data_5Y0N
#
_entry.id   5Y0N
#
_cell.length_a   68.037
_cell.length_b   68.021
_cell.length_c   209.952
_cell.angle_alpha   90.000
_cell.angle_beta   90.000
_cell.angle_gamma   90.000
#
_symmetry.space_group_name_H-M   'P 21 21 21'
#
loop_
_entity.id
_entity.type
_entity.pdbx_description
1 polymer 'UPF0348 protein B4417_3650'
2 non-polymer "ADENOSINE-5'-TRIPHOSPHATE"
3 water water
#
_entity_poly.entity_id   1
_entity_poly.type   'polypeptide(L)'
_entity_poly.pdbx_seq_one_letter_code
;(MSE)GSSHHHHHHSSGLVPRGSQ(MSE)KAVGLVVEYNPFHNGHLYHAQTAKLQTGCDTAVAV(MSE)SGHFLQRGEPA
VVSKWARTK(MSE)ALQSGVDLVIELPYLYAVQKADIFARGSVSILNELECEALFFGSENGDIKPFLETAQLIDEHKHIL
NDRIKEELKKGASYPAAAAIAFSSILHTESALDLSKPNNILGYQYVTSILTGGYP(MSE)KPYTTARISSDYHDADLPEG
ENHIASATSIRKA(MSE)IGQNLEACLRFLPAASARELAAYRKSFGLWHTPESYFSYLKYSLSTVTARELQQVYEVEEGL
EHRIIRSIRKSSSYQEF(MSE)ELLKTKRYTWTRLQR(MSE)NTHILTRTKKQD(MSE)QKLLDNDKAPYIRLLG(MSE)
TKKGQAYLSEKKKALSVPLVSKLSSFSHPALDLDVKASRIYSLPIEEPLRTEFDLQEYGHAPIRYDEDEQHFLNV
;
_entity_poly.pdbx_strand_id   A,B
#
# COMPACT_ATOMS: atom_id res chain seq x y z
N LYS A 22 1.67 -33.80 -31.99
CA LYS A 22 2.62 -33.81 -30.88
C LYS A 22 3.08 -32.39 -30.54
N ALA A 23 3.50 -32.15 -29.29
CA ALA A 23 3.68 -30.76 -28.83
C ALA A 23 5.09 -30.41 -28.34
N VAL A 24 5.53 -29.20 -28.64
CA VAL A 24 6.84 -28.69 -28.20
C VAL A 24 6.68 -27.56 -27.20
N GLY A 25 7.15 -27.77 -25.97
CA GLY A 25 7.02 -26.77 -24.94
C GLY A 25 8.11 -25.72 -24.95
N LEU A 26 7.73 -24.48 -24.68
CA LEU A 26 8.68 -23.39 -24.55
C LEU A 26 8.43 -22.70 -23.23
N VAL A 27 9.48 -22.42 -22.46
CA VAL A 27 9.29 -21.64 -21.24
C VAL A 27 9.69 -20.18 -21.52
N VAL A 28 8.71 -19.28 -21.43
CA VAL A 28 8.90 -17.92 -21.94
C VAL A 28 8.38 -16.80 -21.01
N GLU A 29 9.12 -15.72 -20.87
CA GLU A 29 8.52 -14.54 -20.26
C GLU A 29 8.03 -13.51 -21.28
N TYR A 30 8.48 -13.67 -22.53
CA TYR A 30 8.14 -12.78 -23.63
C TYR A 30 8.13 -11.32 -23.23
N ASN A 31 9.29 -10.74 -22.94
CA ASN A 31 9.33 -9.41 -22.33
C ASN A 31 10.05 -8.32 -23.14
N PRO A 32 9.44 -7.83 -24.24
CA PRO A 32 8.22 -8.29 -24.93
C PRO A 32 8.49 -9.42 -25.96
N PHE A 33 7.49 -9.74 -26.78
CA PHE A 33 7.65 -10.68 -27.89
C PHE A 33 8.30 -9.98 -29.09
N HIS A 34 9.49 -10.44 -29.47
CA HIS A 34 10.22 -9.87 -30.61
C HIS A 34 10.62 -10.96 -31.61
N ASN A 35 11.29 -10.55 -32.68
CA ASN A 35 11.72 -11.47 -33.72
C ASN A 35 12.54 -12.65 -33.19
N GLY A 36 13.32 -12.40 -32.16
CA GLY A 36 14.12 -13.46 -31.55
C GLY A 36 13.21 -14.52 -30.96
N HIS A 37 12.15 -14.07 -30.32
CA HIS A 37 11.18 -15.00 -29.75
C HIS A 37 10.46 -15.76 -30.87
N LEU A 38 10.49 -15.19 -32.06
CA LEU A 38 9.92 -15.81 -33.25
C LEU A 38 10.84 -16.92 -33.72
N TYR A 39 12.13 -16.60 -33.83
CA TYR A 39 13.16 -17.58 -34.13
C TYR A 39 13.06 -18.76 -33.19
N HIS A 40 12.65 -18.53 -31.95
CA HIS A 40 12.46 -19.62 -31.00
C HIS A 40 11.30 -20.51 -31.43
N ALA A 41 10.13 -19.91 -31.59
CA ALA A 41 8.87 -20.65 -31.76
C ALA A 41 8.80 -21.46 -33.05
N GLN A 42 9.48 -20.96 -34.07
CA GLN A 42 9.55 -21.60 -35.38
C GLN A 42 10.63 -22.69 -35.51
N THR A 43 11.81 -22.42 -34.96
CA THR A 43 12.87 -23.40 -34.89
C THR A 43 12.47 -24.60 -34.06
N ALA A 44 11.83 -24.33 -32.93
CA ALA A 44 11.31 -25.35 -32.04
C ALA A 44 10.59 -26.41 -32.82
N LYS A 45 9.51 -26.02 -33.49
CA LYS A 45 8.72 -26.94 -34.28
C LYS A 45 9.54 -27.67 -35.35
N LEU A 46 10.34 -26.93 -36.12
CA LEU A 46 11.12 -27.53 -37.20
C LEU A 46 12.14 -28.51 -36.65
N GLN A 47 12.74 -28.17 -35.52
CA GLN A 47 13.78 -29.01 -34.94
C GLN A 47 13.22 -30.19 -34.16
N THR A 48 12.14 -29.99 -33.43
CA THR A 48 11.53 -31.07 -32.66
C THR A 48 10.65 -31.94 -33.54
N GLY A 49 9.92 -31.32 -34.44
CA GLY A 49 8.98 -32.05 -35.27
C GLY A 49 7.55 -32.06 -34.74
N CYS A 50 7.23 -31.08 -33.89
CA CYS A 50 5.90 -31.00 -33.32
C CYS A 50 5.12 -29.87 -34.00
N ASP A 51 3.88 -30.14 -34.39
CA ASP A 51 3.12 -29.14 -35.13
C ASP A 51 2.42 -28.16 -34.20
N THR A 52 2.62 -28.37 -32.89
CA THR A 52 1.95 -27.61 -31.84
C THR A 52 2.92 -27.00 -30.85
N ALA A 53 2.94 -25.67 -30.75
CA ALA A 53 3.81 -24.99 -29.78
C ALA A 53 3.05 -24.42 -28.59
N VAL A 54 3.30 -25.01 -27.43
CA VAL A 54 2.72 -24.58 -26.16
C VAL A 54 3.74 -23.85 -25.29
N ALA A 55 3.47 -22.60 -24.95
CA ALA A 55 4.37 -21.85 -24.09
C ALA A 55 3.76 -21.62 -22.71
N VAL A 56 4.56 -21.84 -21.68
CA VAL A 56 4.14 -21.52 -20.31
C VAL A 56 4.84 -20.21 -19.93
N SER A 58 5.38 -16.45 -17.74
CA SER A 58 5.30 -15.68 -16.50
C SER A 58 4.32 -14.53 -16.68
N GLY A 59 3.32 -14.42 -15.83
CA GLY A 59 2.33 -13.43 -16.15
C GLY A 59 2.69 -11.99 -15.97
N HIS A 60 2.64 -11.46 -14.75
CA HIS A 60 2.90 -10.03 -14.59
C HIS A 60 4.16 -9.66 -13.83
N PHE A 61 4.81 -10.62 -13.20
CA PHE A 61 6.05 -10.38 -12.51
C PHE A 61 6.90 -11.55 -12.85
N LEU A 62 8.13 -11.24 -13.25
CA LEU A 62 8.98 -12.20 -13.92
C LEU A 62 10.08 -12.76 -13.02
N GLN A 63 10.88 -13.65 -13.60
CA GLN A 63 11.81 -14.50 -12.86
C GLN A 63 12.88 -13.74 -12.11
N ARG A 64 13.27 -12.58 -12.65
CA ARG A 64 14.30 -11.78 -12.03
C ARG A 64 13.67 -10.81 -11.02
N GLY A 65 12.34 -10.79 -10.95
CA GLY A 65 11.63 -9.99 -9.94
C GLY A 65 11.01 -8.67 -10.38
N GLU A 66 10.90 -8.45 -11.68
CA GLU A 66 10.45 -7.15 -12.22
C GLU A 66 9.09 -7.28 -12.93
N PRO A 67 8.33 -6.18 -13.07
CA PRO A 67 7.05 -6.30 -13.78
C PRO A 67 7.18 -6.35 -15.30
N ALA A 68 6.25 -7.06 -15.92
CA ALA A 68 6.18 -7.07 -17.37
C ALA A 68 5.77 -5.68 -17.86
N VAL A 69 6.45 -5.21 -18.91
CA VAL A 69 6.19 -3.90 -19.49
C VAL A 69 4.79 -3.78 -20.08
N VAL A 70 4.08 -4.89 -20.11
CA VAL A 70 2.75 -4.87 -20.69
C VAL A 70 1.98 -6.04 -20.08
N SER A 71 0.66 -6.02 -20.13
CA SER A 71 -0.13 -7.05 -19.49
C SER A 71 0.09 -8.41 -20.12
N LYS A 72 -0.19 -9.47 -19.40
CA LYS A 72 -0.08 -10.80 -19.95
C LYS A 72 -1.12 -11.06 -21.03
N TRP A 73 -2.18 -10.26 -21.05
CA TRP A 73 -3.22 -10.42 -22.06
C TRP A 73 -2.75 -9.86 -23.39
N ALA A 74 -1.97 -8.80 -23.33
CA ALA A 74 -1.46 -8.20 -24.54
C ALA A 74 -0.42 -9.12 -25.13
N ARG A 75 0.53 -9.54 -24.31
CA ARG A 75 1.61 -10.41 -24.77
C ARG A 75 1.06 -11.72 -25.30
N THR A 76 -0.10 -12.13 -24.82
CA THR A 76 -0.74 -13.33 -25.35
C THR A 76 -1.15 -13.08 -26.79
N LYS A 77 -1.84 -11.97 -27.00
CA LYS A 77 -2.26 -11.59 -28.34
C LYS A 77 -1.11 -11.56 -29.33
N ALA A 79 1.81 -13.35 -29.09
CA ALA A 79 2.34 -14.69 -29.26
C ALA A 79 1.42 -15.54 -30.11
N LEU A 80 0.13 -15.30 -29.99
CA LEU A 80 -0.84 -16.09 -30.73
C LEU A 80 -0.80 -15.76 -32.20
N GLN A 81 -0.30 -14.58 -32.53
CA GLN A 81 -0.15 -14.19 -33.93
C GLN A 81 1.21 -14.59 -34.50
N SER A 82 2.19 -14.81 -33.65
CA SER A 82 3.54 -15.10 -34.08
C SER A 82 3.93 -16.57 -34.01
N GLY A 83 2.96 -17.45 -33.86
CA GLY A 83 3.24 -18.87 -33.97
C GLY A 83 3.24 -19.72 -32.72
N VAL A 84 2.68 -19.20 -31.64
CA VAL A 84 2.39 -20.04 -30.49
C VAL A 84 0.90 -20.42 -30.42
N ASP A 85 0.66 -21.70 -30.19
CA ASP A 85 -0.69 -22.27 -30.17
C ASP A 85 -1.47 -22.20 -28.85
N LEU A 86 -0.79 -22.44 -27.74
CA LEU A 86 -1.41 -22.38 -26.42
C LEU A 86 -0.59 -21.50 -25.54
N VAL A 87 -1.25 -20.58 -24.86
CA VAL A 87 -0.53 -19.77 -23.89
C VAL A 87 -1.08 -20.04 -22.51
N ILE A 88 -0.26 -20.66 -21.66
CA ILE A 88 -0.62 -21.02 -20.30
C ILE A 88 0.16 -20.14 -19.33
N GLU A 89 -0.49 -19.63 -18.28
CA GLU A 89 0.24 -18.79 -17.32
C GLU A 89 1.12 -19.64 -16.44
N LEU A 90 2.32 -19.17 -16.19
CA LEU A 90 3.16 -19.76 -15.16
C LEU A 90 2.77 -19.10 -13.84
N PRO A 91 2.17 -19.87 -12.93
CA PRO A 91 1.73 -19.26 -11.69
C PRO A 91 2.86 -18.53 -10.98
N TYR A 92 2.51 -17.38 -10.40
CA TYR A 92 3.41 -16.56 -9.60
C TYR A 92 4.13 -17.39 -8.55
N LEU A 93 3.48 -18.48 -8.15
CA LEU A 93 4.09 -19.43 -7.28
C LEU A 93 5.43 -19.89 -7.82
N TYR A 94 5.45 -20.30 -9.07
CA TYR A 94 6.69 -20.73 -9.71
C TYR A 94 7.48 -19.63 -10.41
N ALA A 95 6.80 -18.58 -10.86
CA ALA A 95 7.45 -17.58 -11.72
C ALA A 95 8.52 -16.70 -11.05
N VAL A 96 8.28 -16.23 -9.83
CA VAL A 96 9.28 -15.36 -9.21
C VAL A 96 10.12 -16.21 -8.29
N GLN A 97 11.18 -16.79 -8.84
CA GLN A 97 11.99 -17.79 -8.14
C GLN A 97 13.30 -17.86 -8.89
N LYS A 98 14.36 -18.38 -8.28
CA LYS A 98 15.57 -18.57 -9.08
C LYS A 98 15.31 -19.77 -9.99
N ALA A 99 16.26 -20.07 -10.87
CA ALA A 99 16.00 -20.91 -12.02
C ALA A 99 15.44 -22.29 -11.72
N ASP A 100 15.87 -22.91 -10.63
CA ASP A 100 15.54 -24.32 -10.42
C ASP A 100 14.09 -24.56 -10.05
N ILE A 101 13.50 -23.62 -9.29
CA ILE A 101 12.08 -23.71 -8.91
C ILE A 101 11.21 -23.23 -10.06
N PHE A 102 11.66 -22.16 -10.68
CA PHE A 102 11.11 -21.66 -11.93
C PHE A 102 10.96 -22.80 -12.93
N ALA A 103 12.05 -23.55 -13.09
CA ALA A 103 12.12 -24.66 -14.05
C ALA A 103 11.29 -25.84 -13.62
N ARG A 104 11.33 -26.16 -12.34
CA ARG A 104 10.54 -27.23 -11.73
C ARG A 104 9.04 -27.07 -11.94
N GLY A 105 8.55 -25.86 -11.73
CA GLY A 105 7.14 -25.62 -11.89
C GLY A 105 6.75 -25.52 -13.34
N SER A 106 7.56 -24.81 -14.13
CA SER A 106 7.27 -24.63 -15.56
C SER A 106 7.35 -25.95 -16.31
N VAL A 107 8.33 -26.79 -15.99
CA VAL A 107 8.44 -28.12 -16.59
C VAL A 107 7.30 -29.05 -16.11
N SER A 108 6.81 -28.89 -14.89
CA SER A 108 5.64 -29.67 -14.48
C SER A 108 4.43 -29.32 -15.33
N ILE A 109 4.24 -28.04 -15.55
CA ILE A 109 3.15 -27.56 -16.37
C ILE A 109 3.22 -28.16 -17.78
N LEU A 110 4.40 -28.17 -18.38
CA LEU A 110 4.55 -28.75 -19.71
C LEU A 110 4.37 -30.26 -19.64
N ASN A 111 4.68 -30.82 -18.48
CA ASN A 111 4.47 -32.23 -18.33
C ASN A 111 2.98 -32.53 -18.31
N GLU A 112 2.23 -31.71 -17.59
CA GLU A 112 0.79 -31.89 -17.49
C GLU A 112 0.14 -31.83 -18.88
N LEU A 113 0.75 -31.10 -19.78
CA LEU A 113 0.21 -30.85 -21.13
C LEU A 113 0.70 -31.83 -22.21
N GLU A 114 1.48 -32.84 -21.82
CA GLU A 114 1.90 -33.93 -22.71
C GLU A 114 2.71 -33.47 -23.91
N CYS A 115 3.45 -32.38 -23.72
CA CYS A 115 4.42 -31.94 -24.71
C CYS A 115 5.46 -33.04 -24.86
N GLU A 116 5.75 -33.41 -26.11
CA GLU A 116 6.78 -34.41 -26.34
C GLU A 116 8.16 -33.84 -26.08
N ALA A 117 8.30 -32.52 -26.19
CA ALA A 117 9.61 -31.88 -26.11
C ALA A 117 9.65 -30.62 -25.25
N LEU A 118 10.87 -30.15 -24.99
CA LEU A 118 11.15 -28.86 -24.39
C LEU A 118 12.26 -28.16 -25.16
N PHE A 119 11.95 -27.01 -25.76
CA PHE A 119 12.90 -26.31 -26.62
C PHE A 119 13.43 -25.05 -25.92
N PHE A 120 14.69 -25.08 -25.47
CA PHE A 120 15.22 -23.94 -24.72
C PHE A 120 16.49 -23.37 -25.34
N GLY A 121 16.66 -22.05 -25.21
CA GLY A 121 17.82 -21.39 -25.80
C GLY A 121 19.05 -21.32 -24.90
N SER A 122 20.21 -21.34 -25.55
CA SER A 122 21.49 -21.04 -24.92
C SER A 122 22.41 -20.42 -25.97
N GLU A 123 23.69 -20.26 -25.67
CA GLU A 123 24.60 -19.82 -26.73
C GLU A 123 25.13 -21.02 -27.51
N ASN A 124 24.68 -22.23 -27.16
CA ASN A 124 25.00 -23.45 -27.91
C ASN A 124 23.79 -24.01 -28.66
N GLY A 125 24.02 -24.56 -29.84
CA GLY A 125 22.96 -25.20 -30.59
C GLY A 125 22.80 -26.62 -30.13
N ASP A 126 23.65 -27.03 -29.19
CA ASP A 126 23.82 -28.44 -28.85
C ASP A 126 23.15 -28.83 -27.54
N ILE A 127 22.29 -29.84 -27.58
CA ILE A 127 21.59 -30.27 -26.39
C ILE A 127 22.44 -31.22 -25.53
N LYS A 128 23.63 -31.55 -26.01
CA LYS A 128 24.49 -32.55 -25.37
C LYS A 128 25.11 -32.11 -24.03
N PRO A 129 25.83 -30.97 -23.98
CA PRO A 129 26.49 -30.66 -22.70
C PRO A 129 25.52 -30.39 -21.55
N PHE A 130 24.25 -30.13 -21.87
CA PHE A 130 23.22 -30.00 -20.86
C PHE A 130 22.91 -31.37 -20.28
N LEU A 131 22.87 -32.35 -21.17
CA LEU A 131 22.67 -33.74 -20.80
C LEU A 131 23.79 -34.29 -19.94
N GLU A 132 25.01 -34.14 -20.45
CA GLU A 132 26.18 -34.74 -19.84
C GLU A 132 26.41 -34.19 -18.43
N THR A 133 26.21 -32.88 -18.27
CA THR A 133 26.35 -32.24 -16.98
C THR A 133 25.30 -32.75 -15.99
N ALA A 134 24.06 -32.82 -16.46
CA ALA A 134 22.94 -33.21 -15.61
C ALA A 134 23.20 -34.56 -14.92
N GLN A 135 23.45 -35.61 -15.69
CA GLN A 135 23.80 -36.91 -15.11
C GLN A 135 24.94 -36.80 -14.12
N LEU A 136 26.00 -36.17 -14.59
CA LEU A 136 27.20 -35.99 -13.81
C LEU A 136 26.83 -35.41 -12.47
N ILE A 137 26.08 -34.32 -12.49
CA ILE A 137 25.57 -33.75 -11.26
C ILE A 137 24.47 -34.62 -10.66
N ASP A 138 23.70 -35.30 -11.50
CA ASP A 138 22.66 -36.22 -11.03
C ASP A 138 23.28 -37.39 -10.27
N GLU A 139 24.35 -37.96 -10.83
CA GLU A 139 24.97 -39.11 -10.18
C GLU A 139 25.92 -38.76 -9.05
N HIS A 140 26.60 -37.62 -9.15
CA HIS A 140 27.61 -37.26 -8.15
C HIS A 140 27.02 -36.59 -6.91
N LYS A 141 25.70 -36.41 -6.91
CA LYS A 141 25.01 -35.63 -5.87
C LYS A 141 25.36 -36.10 -4.46
N HIS A 142 25.59 -37.40 -4.29
CA HIS A 142 26.00 -37.90 -3.00
C HIS A 142 27.43 -37.46 -2.73
N ILE A 143 28.32 -37.78 -3.65
CA ILE A 143 29.70 -37.33 -3.57
C ILE A 143 29.74 -35.82 -3.38
N LEU A 144 28.95 -35.11 -4.18
CA LEU A 144 28.83 -33.66 -4.10
C LEU A 144 28.34 -33.15 -2.76
N ASN A 145 27.21 -33.69 -2.29
CA ASN A 145 26.62 -33.22 -1.04
C ASN A 145 27.40 -33.71 0.16
N ASP A 146 28.18 -34.76 -0.03
CA ASP A 146 29.06 -35.20 1.03
C ASP A 146 30.31 -34.35 1.01
N ARG A 147 30.58 -33.75 -0.15
CA ARG A 147 31.73 -32.86 -0.31
C ARG A 147 31.46 -31.44 0.17
N ILE A 148 30.19 -31.07 0.22
CA ILE A 148 29.78 -29.79 0.77
C ILE A 148 29.87 -29.87 2.28
N LYS A 149 29.52 -31.04 2.78
CA LYS A 149 29.66 -31.40 4.18
C LYS A 149 31.05 -31.01 4.70
N GLU A 150 32.08 -31.66 4.19
CA GLU A 150 33.45 -31.49 4.68
C GLU A 150 33.87 -30.02 4.74
N GLU A 151 33.35 -29.21 3.82
CA GLU A 151 33.83 -27.85 3.61
C GLU A 151 33.33 -26.83 4.62
N LEU A 152 32.07 -26.99 5.03
CA LEU A 152 31.52 -26.14 6.07
C LEU A 152 32.28 -26.35 7.36
N LYS A 153 32.73 -27.59 7.55
CA LYS A 153 33.53 -27.95 8.71
C LYS A 153 34.82 -27.16 8.77
N LYS A 154 35.42 -26.87 7.62
CA LYS A 154 36.61 -26.04 7.57
C LYS A 154 36.29 -24.56 7.80
N GLY A 155 35.00 -24.23 7.91
CA GLY A 155 34.57 -22.91 8.34
C GLY A 155 34.13 -21.98 7.22
N ALA A 156 34.15 -22.49 6.00
CA ALA A 156 33.77 -21.74 4.79
C ALA A 156 32.28 -21.51 4.73
N SER A 157 31.84 -20.52 3.96
CA SER A 157 30.40 -20.34 3.82
C SER A 157 29.89 -21.45 2.95
N TYR A 158 28.58 -21.55 2.84
CA TYR A 158 27.98 -22.59 2.04
C TYR A 158 28.24 -22.37 0.53
N PRO A 159 27.93 -21.15 0.01
CA PRO A 159 28.33 -20.85 -1.38
C PRO A 159 29.80 -21.10 -1.68
N ALA A 160 30.65 -20.85 -0.70
CA ALA A 160 32.05 -21.20 -0.85
C ALA A 160 32.13 -22.70 -1.00
N ALA A 161 31.62 -23.39 0.02
CA ALA A 161 31.63 -24.86 0.08
C ALA A 161 31.04 -25.51 -1.18
N ALA A 162 29.91 -24.98 -1.64
CA ALA A 162 29.30 -25.46 -2.87
C ALA A 162 30.22 -25.28 -4.08
N ALA A 163 30.90 -24.13 -4.15
CA ALA A 163 31.78 -23.82 -5.27
C ALA A 163 32.98 -24.74 -5.28
N ILE A 164 33.41 -25.16 -4.10
CA ILE A 164 34.56 -26.02 -4.01
C ILE A 164 34.21 -27.44 -4.43
N ALA A 165 33.02 -27.90 -4.08
CA ALA A 165 32.58 -29.25 -4.47
C ALA A 165 32.36 -29.36 -5.98
N PHE A 166 31.59 -28.43 -6.55
CA PHE A 166 31.31 -28.41 -7.99
C PHE A 166 32.61 -28.58 -8.77
N SER A 167 33.62 -27.80 -8.42
CA SER A 167 34.85 -27.71 -9.23
C SER A 167 35.68 -28.98 -9.30
N SER A 168 35.46 -29.92 -8.39
CA SER A 168 36.17 -31.19 -8.45
C SER A 168 35.72 -32.04 -9.63
N ILE A 169 34.41 -32.23 -9.71
CA ILE A 169 33.80 -32.94 -10.82
C ILE A 169 33.78 -32.08 -12.09
N LEU A 170 33.37 -30.83 -11.93
CA LEU A 170 33.01 -29.99 -13.06
C LEU A 170 34.15 -29.22 -13.71
N HIS A 171 35.36 -29.29 -13.18
CA HIS A 171 36.47 -28.57 -13.82
C HIS A 171 37.01 -29.32 -15.03
N THR A 172 36.53 -30.54 -15.24
CA THR A 172 36.65 -31.14 -16.56
C THR A 172 35.97 -30.13 -17.50
N GLU A 173 36.59 -29.78 -18.62
CA GLU A 173 35.95 -28.77 -19.43
C GLU A 173 35.00 -29.48 -20.37
N SER A 174 33.72 -29.34 -20.04
CA SER A 174 32.66 -30.05 -20.74
C SER A 174 32.27 -29.42 -22.09
N ALA A 175 32.20 -28.09 -22.21
CA ALA A 175 32.20 -27.13 -21.12
C ALA A 175 30.84 -26.48 -21.12
N LEU A 176 30.04 -26.78 -20.10
CA LEU A 176 28.78 -26.07 -19.98
C LEU A 176 29.03 -24.73 -19.29
N ASP A 177 28.59 -23.65 -19.91
CA ASP A 177 28.75 -22.35 -19.27
C ASP A 177 27.52 -22.04 -18.46
N LEU A 178 27.70 -22.08 -17.15
CA LEU A 178 26.64 -21.88 -16.18
C LEU A 178 26.53 -20.39 -15.85
N SER A 179 27.26 -19.58 -16.61
CA SER A 179 27.14 -18.13 -16.52
C SER A 179 26.03 -17.64 -17.45
N LYS A 180 26.16 -17.94 -18.74
CA LYS A 180 25.20 -17.44 -19.72
C LYS A 180 23.81 -17.85 -19.33
N PRO A 181 22.95 -16.84 -19.11
CA PRO A 181 21.75 -16.96 -18.31
C PRO A 181 20.92 -18.11 -18.76
N ASN A 182 20.71 -18.20 -20.06
CA ASN A 182 19.66 -19.07 -20.55
C ASN A 182 20.12 -20.51 -20.59
N ASN A 183 21.42 -20.67 -20.42
CA ASN A 183 22.01 -21.99 -20.26
C ASN A 183 21.73 -22.54 -18.88
N ILE A 184 21.82 -21.68 -17.87
CA ILE A 184 21.44 -22.05 -16.51
C ILE A 184 20.00 -22.53 -16.52
N LEU A 185 19.15 -21.74 -17.18
CA LEU A 185 17.75 -22.10 -17.36
C LEU A 185 17.62 -23.42 -18.10
N GLY A 186 18.48 -23.62 -19.09
CA GLY A 186 18.52 -24.89 -19.80
C GLY A 186 18.87 -26.04 -18.88
N TYR A 187 19.93 -25.88 -18.10
CA TYR A 187 20.36 -26.92 -17.18
C TYR A 187 19.25 -27.33 -16.20
N GLN A 188 18.52 -26.36 -15.66
CA GLN A 188 17.49 -26.67 -14.69
C GLN A 188 16.25 -27.26 -15.37
N TYR A 189 16.05 -26.93 -16.65
CA TYR A 189 15.00 -27.56 -17.43
C TYR A 189 15.28 -29.04 -17.60
N VAL A 190 16.52 -29.32 -17.99
CA VAL A 190 16.98 -30.67 -18.17
C VAL A 190 16.99 -31.39 -16.82
N THR A 191 17.49 -30.71 -15.81
CA THR A 191 17.43 -31.20 -14.44
C THR A 191 16.00 -31.60 -14.04
N SER A 192 15.03 -30.72 -14.27
CA SER A 192 13.68 -30.93 -13.77
C SER A 192 12.96 -32.09 -14.46
N ILE A 193 13.21 -32.26 -15.75
CA ILE A 193 12.68 -33.40 -16.49
C ILE A 193 13.27 -34.70 -15.94
N LEU A 194 14.55 -34.64 -15.57
CA LEU A 194 15.28 -35.80 -15.03
C LEU A 194 14.80 -36.26 -13.66
N THR A 195 14.61 -35.34 -12.73
CA THR A 195 14.12 -35.75 -11.42
C THR A 195 12.60 -35.80 -11.45
N GLY A 196 12.03 -35.27 -12.53
CA GLY A 196 10.58 -35.32 -12.69
C GLY A 196 10.02 -36.66 -13.09
N GLY A 197 10.76 -37.38 -13.95
CA GLY A 197 10.29 -38.64 -14.50
C GLY A 197 9.44 -38.42 -15.74
N TYR A 198 9.64 -37.27 -16.37
CA TYR A 198 8.82 -36.86 -17.51
C TYR A 198 9.40 -37.43 -18.79
N PRO A 199 8.53 -37.84 -19.72
CA PRO A 199 8.90 -38.39 -21.03
C PRO A 199 9.16 -37.27 -22.00
N LYS A 201 11.65 -34.63 -24.21
CA LYS A 201 12.93 -34.50 -24.91
C LYS A 201 13.35 -33.03 -24.97
N PRO A 202 14.41 -32.67 -24.22
CA PRO A 202 14.95 -31.31 -24.40
C PRO A 202 15.68 -31.11 -25.73
N TYR A 203 15.37 -30.02 -26.41
CA TYR A 203 16.06 -29.58 -27.61
C TYR A 203 16.67 -28.22 -27.33
N THR A 204 17.36 -27.66 -28.32
CA THR A 204 17.98 -26.35 -28.20
C THR A 204 18.66 -25.91 -29.50
N THR A 205 18.92 -24.60 -29.62
CA THR A 205 19.62 -24.02 -30.78
C THR A 205 20.33 -22.77 -30.30
N ALA A 206 21.24 -22.23 -31.11
CA ALA A 206 21.98 -21.06 -30.69
C ALA A 206 21.16 -19.79 -30.74
N ARG A 207 21.24 -18.97 -29.70
CA ARG A 207 20.67 -17.64 -29.75
C ARG A 207 21.49 -16.78 -30.71
N ILE A 208 20.93 -15.63 -31.09
CA ILE A 208 21.62 -14.73 -32.01
C ILE A 208 21.39 -13.27 -31.61
N ASN A 222 16.76 -8.76 -41.00
CA ASN A 222 16.39 -8.34 -39.65
C ASN A 222 17.21 -9.05 -38.55
N HIS A 223 18.41 -8.55 -38.25
CA HIS A 223 19.15 -9.16 -37.16
C HIS A 223 18.37 -8.91 -35.89
N ILE A 224 18.55 -9.81 -34.94
CA ILE A 224 17.71 -9.89 -33.77
C ILE A 224 18.31 -9.10 -32.62
N ALA A 225 17.43 -8.49 -31.83
CA ALA A 225 17.83 -7.70 -30.68
C ALA A 225 17.42 -8.43 -29.41
N SER A 226 18.09 -8.06 -28.31
CA SER A 226 17.76 -8.59 -26.99
C SER A 226 16.46 -7.96 -26.49
N ALA A 227 15.73 -8.68 -25.64
CA ALA A 227 14.46 -8.15 -25.09
C ALA A 227 14.75 -6.96 -24.20
N THR A 228 15.89 -7.02 -23.52
CA THR A 228 16.34 -5.93 -22.67
C THR A 228 16.49 -4.60 -23.38
N SER A 229 17.45 -4.54 -24.30
CA SER A 229 17.72 -3.33 -25.06
C SER A 229 16.44 -2.84 -25.73
N ILE A 230 15.59 -3.78 -26.14
CA ILE A 230 14.32 -3.44 -26.74
C ILE A 230 13.41 -2.76 -25.72
N ARG A 231 13.51 -3.16 -24.46
CA ARG A 231 12.73 -2.49 -23.40
C ARG A 231 13.17 -1.03 -23.22
N LYS A 232 14.48 -0.80 -23.10
CA LYS A 232 15.00 0.57 -22.95
C LYS A 232 14.43 1.52 -23.97
N ALA A 233 14.21 0.97 -25.16
CA ALA A 233 13.71 1.75 -26.28
C ALA A 233 12.41 2.40 -25.88
N ILE A 235 10.91 2.49 -23.19
CA ILE A 235 11.09 3.21 -21.92
C ILE A 235 11.53 4.64 -22.19
N GLY A 236 12.33 4.81 -23.23
CA GLY A 236 12.74 6.15 -23.62
C GLY A 236 11.63 6.83 -24.39
N GLN A 237 10.42 6.29 -24.26
CA GLN A 237 9.22 6.70 -25.02
C GLN A 237 9.39 6.36 -26.50
N ASN A 238 10.59 5.93 -26.88
CA ASN A 238 10.91 5.73 -28.27
C ASN A 238 10.82 4.26 -28.66
N LEU A 239 9.72 3.90 -29.30
CA LEU A 239 9.44 2.52 -29.67
C LEU A 239 9.84 2.30 -31.13
N GLU A 240 10.29 3.37 -31.77
CA GLU A 240 10.60 3.36 -33.20
C GLU A 240 11.96 2.74 -33.47
N ALA A 241 12.89 2.92 -32.54
CA ALA A 241 14.21 2.33 -32.65
C ALA A 241 14.14 0.81 -32.86
N CYS A 242 13.26 0.18 -32.10
CA CYS A 242 13.20 -1.27 -31.97
C CYS A 242 12.22 -1.99 -32.90
N LEU A 243 11.61 -1.28 -33.83
CA LEU A 243 10.63 -1.89 -34.73
C LEU A 243 11.10 -3.09 -35.59
N ARG A 244 12.16 -2.90 -36.39
CA ARG A 244 12.64 -3.95 -37.31
C ARG A 244 12.95 -5.24 -36.55
N PHE A 245 13.13 -5.10 -35.24
CA PHE A 245 13.41 -6.21 -34.35
C PHE A 245 12.13 -6.76 -33.73
N LEU A 246 11.02 -6.05 -33.96
CA LEU A 246 9.71 -6.43 -33.47
C LEU A 246 8.80 -6.90 -34.59
N PRO A 247 8.21 -8.10 -34.45
CA PRO A 247 7.21 -8.53 -35.43
C PRO A 247 6.02 -7.57 -35.45
N ALA A 248 5.31 -7.54 -36.57
CA ALA A 248 4.29 -6.52 -36.82
C ALA A 248 3.19 -6.53 -35.77
N ALA A 249 2.62 -7.70 -35.55
CA ALA A 249 1.58 -7.91 -34.57
C ALA A 249 1.93 -7.28 -33.23
N SER A 250 3.20 -7.36 -32.88
CA SER A 250 3.69 -6.87 -31.60
C SER A 250 3.53 -5.38 -31.49
N ALA A 251 4.08 -4.67 -32.48
CA ALA A 251 4.12 -3.22 -32.47
C ALA A 251 2.75 -2.59 -32.23
N ARG A 252 1.76 -3.01 -33.00
CA ARG A 252 0.39 -2.52 -32.82
C ARG A 252 -0.12 -2.78 -31.40
N GLU A 253 -0.19 -4.05 -31.03
CA GLU A 253 -0.66 -4.47 -29.71
C GLU A 253 0.02 -3.66 -28.62
N LEU A 254 1.31 -3.41 -28.81
CA LEU A 254 2.03 -2.47 -27.98
C LEU A 254 1.45 -1.07 -28.07
N ALA A 255 1.55 -0.49 -29.26
CA ALA A 255 0.98 0.83 -29.51
C ALA A 255 -0.47 0.89 -29.05
N ALA A 256 -1.20 -0.19 -29.26
CA ALA A 256 -2.56 -0.28 -28.76
C ALA A 256 -2.57 -0.27 -27.24
N TYR A 257 -1.67 -1.02 -26.60
CA TYR A 257 -1.60 -1.03 -25.14
C TYR A 257 -1.19 0.32 -24.58
N ARG A 258 -0.23 0.99 -25.23
CA ARG A 258 0.16 2.32 -24.76
C ARG A 258 -0.97 3.29 -25.00
N LYS A 259 -1.72 3.08 -26.09
CA LYS A 259 -2.86 3.91 -26.40
C LYS A 259 -4.04 3.57 -25.49
N SER A 260 -4.21 2.29 -25.18
CA SER A 260 -5.32 1.87 -24.33
C SER A 260 -5.12 2.24 -22.86
N PHE A 261 -4.02 1.82 -22.26
CA PHE A 261 -3.80 2.07 -20.84
C PHE A 261 -2.78 3.18 -20.45
N GLY A 262 -2.16 3.81 -21.45
CA GLY A 262 -1.41 5.04 -21.22
C GLY A 262 -0.03 5.01 -20.59
N LEU A 263 0.60 3.84 -20.55
CA LEU A 263 1.97 3.73 -20.06
C LEU A 263 2.66 2.46 -20.56
N TRP A 264 3.98 2.40 -20.41
CA TRP A 264 4.67 1.12 -20.38
C TRP A 264 5.08 0.91 -18.91
N HIS A 265 5.12 -0.34 -18.44
CA HIS A 265 5.38 -0.63 -17.02
C HIS A 265 6.86 -0.82 -16.68
N THR A 266 7.37 -0.01 -15.78
CA THR A 266 8.76 -0.13 -15.30
C THR A 266 8.79 -0.42 -13.79
N PRO A 267 9.90 -0.98 -13.27
CA PRO A 267 9.99 -1.17 -11.83
C PRO A 267 9.81 0.10 -10.99
N GLU A 268 10.20 1.26 -11.51
CA GLU A 268 10.09 2.49 -10.75
C GLU A 268 8.62 2.91 -10.60
N SER A 269 7.74 2.30 -11.39
CA SER A 269 6.31 2.61 -11.28
C SER A 269 5.73 2.14 -9.96
N TYR A 270 6.38 1.15 -9.36
CA TYR A 270 5.87 0.56 -8.14
C TYR A 270 6.58 1.08 -6.88
N PHE A 271 7.61 1.90 -7.03
CA PHE A 271 8.38 2.32 -5.86
C PHE A 271 7.50 2.95 -4.80
N SER A 272 6.62 3.83 -5.26
CA SER A 272 5.68 4.51 -4.40
C SER A 272 4.83 3.54 -3.57
N TYR A 273 4.44 2.41 -4.16
CA TYR A 273 3.62 1.42 -3.48
C TYR A 273 4.45 0.46 -2.61
N LEU A 274 5.71 0.26 -2.97
CA LEU A 274 6.61 -0.48 -2.08
C LEU A 274 6.84 0.39 -0.83
N LYS A 275 7.03 1.69 -1.04
CA LYS A 275 7.19 2.62 0.09
C LYS A 275 5.97 2.68 1.02
N TYR A 276 4.78 2.38 0.50
CA TYR A 276 3.59 2.32 1.34
C TYR A 276 3.58 1.03 2.11
N SER A 277 3.99 -0.01 1.41
CA SER A 277 4.03 -1.37 1.93
C SER A 277 4.90 -1.43 3.16
N LEU A 278 6.15 -0.99 3.02
CA LEU A 278 7.10 -1.05 4.11
C LEU A 278 6.76 -0.09 5.22
N SER A 279 5.81 0.81 4.98
CA SER A 279 5.29 1.79 5.97
C SER A 279 4.30 1.16 6.92
N THR A 280 3.47 0.30 6.34
CA THR A 280 2.31 -0.31 6.97
C THR A 280 2.58 -1.70 7.50
N VAL A 281 3.86 -2.05 7.64
CA VAL A 281 4.28 -3.35 8.14
C VAL A 281 5.15 -3.22 9.39
N THR A 282 5.18 -4.27 10.24
CA THR A 282 6.04 -4.29 11.43
C THR A 282 7.20 -5.25 11.23
N ALA A 283 8.34 -4.95 11.86
CA ALA A 283 9.56 -5.73 11.59
C ALA A 283 9.41 -7.21 11.92
N ARG A 284 8.36 -7.54 12.67
CA ARG A 284 8.02 -8.93 12.89
C ARG A 284 7.27 -9.44 11.69
N GLU A 285 6.36 -8.60 11.17
CA GLU A 285 5.60 -8.90 9.96
C GLU A 285 6.47 -8.93 8.69
N LEU A 286 7.48 -8.08 8.64
CA LEU A 286 8.38 -8.02 7.49
C LEU A 286 9.34 -9.20 7.47
N GLN A 287 9.53 -9.82 8.62
CA GLN A 287 10.35 -11.02 8.69
C GLN A 287 9.69 -12.17 7.93
N GLN A 288 8.36 -12.20 7.95
CA GLN A 288 7.57 -13.30 7.37
C GLN A 288 7.30 -13.20 5.86
N VAL A 289 7.71 -12.09 5.24
CA VAL A 289 7.52 -11.95 3.82
C VAL A 289 8.50 -12.83 3.11
N TYR A 290 8.01 -13.57 2.13
CA TYR A 290 8.83 -14.52 1.41
C TYR A 290 10.13 -13.86 0.93
N GLU A 291 11.25 -14.51 1.25
CA GLU A 291 12.58 -14.08 0.83
C GLU A 291 13.19 -12.97 1.70
N VAL A 292 12.50 -12.54 2.75
CA VAL A 292 13.16 -11.67 3.70
C VAL A 292 13.83 -12.60 4.68
N GLU A 293 15.15 -12.68 4.62
CA GLU A 293 15.88 -13.59 5.50
C GLU A 293 15.94 -13.00 6.91
N GLU A 294 16.25 -13.86 7.87
CA GLU A 294 16.32 -13.46 9.27
C GLU A 294 17.28 -12.28 9.45
N GLY A 295 16.75 -11.19 10.00
CA GLY A 295 17.53 -10.01 10.34
C GLY A 295 17.58 -8.87 9.34
N LEU A 296 17.28 -9.17 8.07
CA LEU A 296 17.40 -8.16 7.03
C LEU A 296 16.30 -7.12 7.13
N GLU A 297 15.16 -7.51 7.69
CA GLU A 297 14.01 -6.64 7.74
C GLU A 297 14.29 -5.33 8.43
N HIS A 298 15.33 -5.30 9.25
CA HIS A 298 15.71 -4.10 9.96
C HIS A 298 16.49 -3.15 9.07
N ARG A 299 17.42 -3.71 8.31
CA ARG A 299 18.13 -2.96 7.28
C ARG A 299 17.14 -2.46 6.24
N ILE A 300 16.13 -3.27 5.96
CA ILE A 300 15.10 -2.97 4.98
C ILE A 300 14.45 -1.63 5.26
N ILE A 301 14.01 -1.47 6.50
CA ILE A 301 13.22 -0.32 6.93
C ILE A 301 14.05 0.94 7.10
N ARG A 302 15.28 0.82 7.61
CA ARG A 302 16.22 1.93 7.65
C ARG A 302 16.39 2.57 6.26
N SER A 303 16.46 1.72 5.23
CA SER A 303 16.87 2.18 3.90
C SER A 303 15.77 2.87 3.12
N ILE A 304 14.53 2.41 3.32
CA ILE A 304 13.40 2.79 2.49
C ILE A 304 12.95 4.23 2.77
N ARG A 305 13.14 4.65 4.01
CA ARG A 305 12.69 5.97 4.46
C ARG A 305 13.49 7.05 3.78
N LYS A 306 14.79 6.78 3.63
CA LYS A 306 15.72 7.72 3.01
C LYS A 306 15.96 7.46 1.53
N SER A 307 15.25 6.47 0.98
CA SER A 307 15.42 6.10 -0.41
C SER A 307 14.38 6.78 -1.28
N SER A 308 14.86 7.62 -2.19
CA SER A 308 14.02 8.47 -3.03
C SER A 308 13.74 7.83 -4.38
N SER A 309 14.27 6.64 -4.57
CA SER A 309 14.07 5.93 -5.82
C SER A 309 14.22 4.46 -5.56
N TYR A 310 13.76 3.66 -6.52
CA TYR A 310 13.97 2.25 -6.44
C TYR A 310 15.45 2.01 -6.59
N GLN A 311 16.10 2.86 -7.38
CA GLN A 311 17.51 2.74 -7.59
C GLN A 311 18.26 2.91 -6.28
N GLU A 312 18.07 4.04 -5.61
CA GLU A 312 18.75 4.29 -4.35
C GLU A 312 18.44 3.20 -3.32
N PHE A 313 17.17 2.79 -3.24
CA PHE A 313 16.76 1.80 -2.25
C PHE A 313 17.55 0.52 -2.46
N GLU A 315 20.33 0.34 -3.93
CA GLU A 315 21.71 0.67 -3.64
C GLU A 315 22.00 0.44 -2.14
N LEU A 316 21.04 0.77 -1.27
CA LEU A 316 21.24 0.63 0.17
C LEU A 316 21.04 -0.80 0.61
N LEU A 317 20.35 -1.55 -0.23
CA LEU A 317 19.94 -2.92 0.05
C LEU A 317 20.95 -4.05 -0.25
N LYS A 318 21.71 -3.92 -1.33
CA LYS A 318 22.49 -5.06 -1.82
C LYS A 318 23.54 -5.55 -0.84
N THR A 319 23.49 -6.83 -0.54
CA THR A 319 24.47 -7.44 0.32
C THR A 319 25.24 -8.54 -0.40
N LYS A 320 26.22 -9.09 0.30
CA LYS A 320 26.99 -10.22 -0.15
C LYS A 320 26.08 -11.43 -0.25
N ARG A 321 25.04 -11.43 0.59
CA ARG A 321 24.10 -12.55 0.71
C ARG A 321 22.98 -12.48 -0.32
N TYR A 322 22.86 -11.32 -0.96
CA TYR A 322 21.77 -11.04 -1.88
C TYR A 322 22.27 -10.53 -3.21
N THR A 323 22.06 -11.29 -4.28
CA THR A 323 22.39 -10.79 -5.60
C THR A 323 21.43 -9.66 -5.97
N TRP A 324 21.79 -8.86 -6.98
CA TRP A 324 20.87 -7.84 -7.51
C TRP A 324 19.46 -8.46 -7.71
N THR A 325 19.34 -9.43 -8.61
CA THR A 325 18.02 -9.97 -8.96
C THR A 325 17.22 -10.46 -7.77
N ARG A 326 17.88 -11.10 -6.83
CA ARG A 326 17.17 -11.67 -5.67
C ARG A 326 16.49 -10.61 -4.86
N LEU A 327 17.08 -9.42 -4.82
CA LEU A 327 16.45 -8.31 -4.13
C LEU A 327 15.22 -7.84 -4.89
N GLN A 328 15.24 -7.94 -6.21
CA GLN A 328 14.07 -7.52 -6.96
C GLN A 328 12.91 -8.46 -6.69
N ARG A 329 13.25 -9.73 -6.53
CA ARG A 329 12.30 -10.77 -6.15
C ARG A 329 11.68 -10.52 -4.79
N ASN A 331 11.68 -7.77 -3.17
CA ASN A 331 10.93 -6.51 -3.21
C ASN A 331 9.57 -6.66 -3.86
N THR A 332 9.49 -7.56 -4.84
CA THR A 332 8.21 -7.88 -5.46
C THR A 332 7.31 -8.61 -4.46
N HIS A 333 7.89 -9.48 -3.65
CA HIS A 333 7.13 -10.18 -2.62
C HIS A 333 6.65 -9.21 -1.58
N ILE A 334 7.54 -8.31 -1.19
CA ILE A 334 7.16 -7.24 -0.30
C ILE A 334 6.08 -6.37 -0.96
N LEU A 335 6.00 -6.38 -2.29
CA LEU A 335 4.91 -5.69 -2.99
C LEU A 335 3.60 -6.47 -2.94
N THR A 336 3.63 -7.78 -3.18
CA THR A 336 2.41 -8.60 -3.08
C THR A 336 2.15 -9.06 -1.66
N ARG A 337 3.04 -8.72 -0.74
CA ARG A 337 2.94 -9.07 0.67
C ARG A 337 2.67 -10.55 0.81
N THR A 338 3.55 -11.31 0.20
CA THR A 338 3.47 -12.76 0.24
C THR A 338 4.29 -13.23 1.41
N LYS A 339 3.66 -14.04 2.25
CA LYS A 339 4.26 -14.63 3.44
C LYS A 339 4.99 -15.91 3.14
N LYS A 340 6.08 -16.15 3.88
CA LYS A 340 6.87 -17.38 3.74
C LYS A 340 6.07 -18.65 3.90
N GLN A 341 5.26 -18.73 4.96
CA GLN A 341 4.56 -19.95 5.31
C GLN A 341 3.62 -20.40 4.19
N ASP A 342 2.86 -19.46 3.65
CA ASP A 342 1.93 -19.74 2.57
C ASP A 342 2.67 -20.17 1.33
N GLN A 344 5.59 -21.59 1.37
CA GLN A 344 6.07 -22.93 1.68
C GLN A 344 5.00 -23.97 1.48
N LYS A 345 3.76 -23.61 1.75
CA LYS A 345 2.63 -24.48 1.54
C LYS A 345 2.50 -24.89 0.07
N LEU A 346 2.56 -23.89 -0.81
CA LEU A 346 2.31 -24.06 -2.25
C LEU A 346 3.46 -24.70 -3.03
N LEU A 347 4.67 -24.58 -2.51
CA LEU A 347 5.82 -25.14 -3.17
C LEU A 347 5.89 -26.61 -2.87
N ASP A 348 5.22 -27.00 -1.79
CA ASP A 348 5.19 -28.39 -1.37
C ASP A 348 4.35 -29.30 -2.28
N ASN A 349 3.37 -28.73 -2.96
CA ASN A 349 2.69 -29.39 -4.06
C ASN A 349 3.68 -29.82 -5.18
N ASP A 350 3.56 -31.07 -5.62
CA ASP A 350 4.48 -31.65 -6.58
C ASP A 350 4.18 -31.27 -8.02
N LYS A 351 2.94 -30.88 -8.28
CA LYS A 351 2.55 -30.46 -9.62
C LYS A 351 1.83 -29.12 -9.63
N ALA A 352 1.82 -28.48 -10.79
CA ALA A 352 1.13 -27.21 -10.96
C ALA A 352 -0.33 -27.34 -10.52
N PRO A 353 -0.77 -26.44 -9.63
CA PRO A 353 -2.08 -26.49 -8.99
C PRO A 353 -3.26 -26.39 -9.97
N TYR A 354 -2.99 -25.74 -11.08
CA TYR A 354 -3.98 -25.54 -12.12
C TYR A 354 -3.30 -25.22 -13.44
N ILE A 355 -4.06 -25.33 -14.52
CA ILE A 355 -3.58 -24.87 -15.81
C ILE A 355 -4.37 -23.62 -16.19
N ARG A 356 -3.70 -22.47 -16.19
CA ARG A 356 -4.37 -21.20 -16.42
C ARG A 356 -4.36 -20.79 -17.89
N LEU A 357 -5.52 -20.78 -18.52
CA LEU A 357 -5.54 -20.60 -19.95
C LEU A 357 -5.68 -19.14 -20.30
N LEU A 358 -4.59 -18.55 -20.80
CA LEU A 358 -4.61 -17.17 -21.31
C LEU A 358 -5.15 -17.05 -22.73
N GLY A 359 -4.64 -17.89 -23.62
CA GLY A 359 -4.98 -17.76 -25.01
C GLY A 359 -4.71 -18.99 -25.84
N THR A 361 -4.90 -20.62 -30.22
CA THR A 361 -5.26 -20.60 -31.61
C THR A 361 -6.34 -21.66 -31.83
N LYS A 362 -6.63 -21.99 -33.07
CA LYS A 362 -7.58 -23.07 -33.36
C LYS A 362 -6.90 -24.44 -33.22
N LYS A 363 -5.58 -24.47 -33.46
CA LYS A 363 -4.77 -25.66 -33.22
C LYS A 363 -4.67 -25.86 -31.70
N GLY A 364 -4.39 -24.76 -30.99
CA GLY A 364 -4.35 -24.78 -29.55
C GLY A 364 -5.64 -25.32 -28.97
N GLN A 365 -6.76 -24.79 -29.47
CA GLN A 365 -8.05 -25.23 -29.01
C GLN A 365 -8.23 -26.71 -29.27
N ALA A 366 -7.77 -27.14 -30.43
CA ALA A 366 -7.91 -28.52 -30.86
C ALA A 366 -7.01 -29.43 -30.02
N TYR A 367 -5.76 -29.01 -29.82
CA TYR A 367 -4.83 -29.77 -29.00
C TYR A 367 -5.37 -29.90 -27.59
N LEU A 368 -5.88 -28.79 -27.07
CA LEU A 368 -6.44 -28.77 -25.73
C LEU A 368 -7.61 -29.75 -25.60
N SER A 369 -8.69 -29.51 -26.33
CA SER A 369 -9.91 -30.30 -26.19
C SER A 369 -9.62 -31.79 -26.27
N GLU A 370 -8.59 -32.15 -27.02
CA GLU A 370 -8.11 -33.52 -27.04
C GLU A 370 -7.60 -33.97 -25.67
N LYS A 371 -6.67 -33.21 -25.10
CA LYS A 371 -5.97 -33.62 -23.88
C LYS A 371 -6.70 -33.23 -22.60
N LYS A 372 -7.67 -32.34 -22.72
CA LYS A 372 -8.34 -31.75 -21.55
C LYS A 372 -8.84 -32.80 -20.56
N LYS A 373 -9.47 -33.82 -21.11
CA LYS A 373 -9.96 -34.94 -20.32
C LYS A 373 -8.84 -35.61 -19.53
N ALA A 374 -7.60 -35.51 -20.01
CA ALA A 374 -6.47 -36.14 -19.35
C ALA A 374 -5.76 -35.21 -18.36
N LEU A 375 -6.07 -33.92 -18.43
CA LEU A 375 -5.54 -32.98 -17.47
C LEU A 375 -6.06 -33.33 -16.09
N SER A 376 -5.15 -33.53 -15.14
CA SER A 376 -5.53 -33.97 -13.79
C SER A 376 -5.82 -32.84 -12.79
N VAL A 377 -5.47 -31.63 -13.18
CA VAL A 377 -5.72 -30.45 -12.37
C VAL A 377 -6.62 -29.55 -13.22
N PRO A 378 -7.38 -28.67 -12.57
CA PRO A 378 -8.35 -27.93 -13.37
C PRO A 378 -7.73 -27.07 -14.46
N LEU A 379 -8.54 -26.81 -15.47
CA LEU A 379 -8.17 -25.91 -16.56
C LEU A 379 -8.95 -24.63 -16.36
N VAL A 380 -8.23 -23.55 -16.06
CA VAL A 380 -8.89 -22.29 -15.77
C VAL A 380 -8.87 -21.42 -17.03
N SER A 381 -10.05 -21.00 -17.45
CA SER A 381 -10.19 -20.07 -18.57
C SER A 381 -10.75 -18.73 -18.08
N LYS A 382 -11.96 -18.78 -17.52
CA LYS A 382 -12.50 -17.69 -16.71
C LYS A 382 -12.32 -18.03 -15.23
N LEU A 383 -12.02 -17.03 -14.41
CA LEU A 383 -11.63 -17.24 -13.02
C LEU A 383 -12.67 -17.87 -12.09
N SER A 384 -13.92 -17.98 -12.56
CA SER A 384 -14.98 -18.52 -11.74
C SER A 384 -15.03 -20.05 -11.76
N SER A 385 -14.10 -20.64 -12.52
CA SER A 385 -14.03 -22.09 -12.70
C SER A 385 -13.12 -22.80 -11.69
N PHE A 386 -12.64 -22.08 -10.67
CA PHE A 386 -11.79 -22.65 -9.63
C PHE A 386 -11.43 -21.70 -8.48
N SER A 387 -11.06 -22.28 -7.34
CA SER A 387 -10.52 -21.52 -6.23
C SER A 387 -9.32 -22.23 -5.60
N HIS A 388 -8.17 -21.59 -5.65
CA HIS A 388 -6.95 -22.19 -5.16
C HIS A 388 -6.12 -21.04 -4.66
N PRO A 389 -5.33 -21.27 -3.61
CA PRO A 389 -4.46 -20.22 -3.05
C PRO A 389 -3.41 -19.68 -4.03
N ALA A 390 -3.01 -20.48 -5.00
CA ALA A 390 -1.96 -20.08 -5.92
C ALA A 390 -2.52 -19.11 -6.94
N LEU A 391 -3.84 -19.19 -7.11
CA LEU A 391 -4.56 -18.37 -8.08
C LEU A 391 -4.92 -16.98 -7.52
N ASP A 392 -5.28 -16.89 -6.25
CA ASP A 392 -5.53 -15.59 -5.61
C ASP A 392 -4.25 -14.78 -5.69
N LEU A 393 -3.15 -15.50 -5.60
CA LEU A 393 -1.81 -14.96 -5.69
C LEU A 393 -1.60 -14.34 -7.06
N ASP A 394 -2.02 -15.06 -8.10
CA ASP A 394 -1.99 -14.56 -9.48
C ASP A 394 -2.89 -13.35 -9.67
N VAL A 395 -4.08 -13.40 -9.10
CA VAL A 395 -5.06 -12.31 -9.11
C VAL A 395 -4.56 -11.11 -8.31
N LYS A 396 -4.02 -11.36 -7.13
CA LYS A 396 -3.45 -10.28 -6.34
C LYS A 396 -2.32 -9.58 -7.07
N ALA A 397 -1.42 -10.34 -7.69
CA ALA A 397 -0.31 -9.78 -8.47
C ALA A 397 -0.80 -8.80 -9.53
N SER A 398 -1.87 -9.18 -10.22
CA SER A 398 -2.58 -8.28 -11.13
C SER A 398 -3.03 -6.98 -10.45
N ARG A 399 -3.85 -7.10 -9.40
CA ARG A 399 -4.42 -5.96 -8.71
C ARG A 399 -3.35 -4.99 -8.24
N ILE A 400 -2.17 -5.51 -7.99
CA ILE A 400 -1.00 -4.70 -7.69
C ILE A 400 -0.41 -4.13 -8.97
N TYR A 401 -0.26 -5.00 -9.96
CA TYR A 401 0.42 -4.67 -11.21
C TYR A 401 -0.17 -3.44 -11.87
N SER A 402 -1.50 -3.33 -11.79
CA SER A 402 -2.24 -2.31 -12.51
C SER A 402 -2.28 -0.98 -11.77
N LEU A 403 -1.72 -0.95 -10.57
CA LEU A 403 -1.75 0.30 -9.79
C LEU A 403 -1.21 1.52 -10.53
N PRO A 404 -0.14 1.35 -11.34
CA PRO A 404 0.39 2.52 -12.06
C PRO A 404 -0.57 3.14 -13.06
N ILE A 405 -1.57 2.42 -13.52
CA ILE A 405 -2.47 3.02 -14.48
C ILE A 405 -3.27 4.13 -13.81
N GLU A 406 -3.22 5.31 -14.43
CA GLU A 406 -3.95 6.47 -13.96
C GLU A 406 -5.44 6.13 -13.96
N GLU A 407 -6.07 6.32 -12.82
CA GLU A 407 -7.51 6.13 -12.69
C GLU A 407 -8.21 7.10 -13.65
N PRO A 408 -9.39 6.73 -14.18
CA PRO A 408 -10.26 5.55 -14.18
C PRO A 408 -9.75 4.41 -15.05
N LEU A 409 -8.76 4.71 -15.88
CA LEU A 409 -8.17 3.74 -16.82
C LEU A 409 -7.69 2.46 -16.13
N ARG A 410 -7.20 2.61 -14.91
CA ARG A 410 -6.80 1.48 -14.09
C ARG A 410 -7.93 0.48 -13.89
N THR A 411 -9.12 1.00 -13.55
CA THR A 411 -10.23 0.14 -13.17
C THR A 411 -10.81 -0.65 -14.34
N GLU A 412 -10.77 -0.08 -15.54
CA GLU A 412 -11.16 -0.83 -16.73
C GLU A 412 -10.25 -2.02 -16.86
N PHE A 413 -8.97 -1.77 -16.66
CA PHE A 413 -8.00 -2.84 -16.74
C PHE A 413 -8.32 -3.94 -15.76
N ASP A 414 -8.67 -3.55 -14.54
CA ASP A 414 -8.89 -4.52 -13.47
C ASP A 414 -10.02 -5.50 -13.80
N LEU A 415 -10.89 -5.12 -14.72
CA LEU A 415 -12.02 -5.97 -15.09
C LEU A 415 -11.57 -7.17 -15.87
N GLN A 416 -10.30 -7.16 -16.27
CA GLN A 416 -9.76 -8.14 -17.19
C GLN A 416 -9.43 -9.49 -16.59
N GLU A 417 -8.78 -9.51 -15.43
CA GLU A 417 -8.42 -10.78 -14.81
C GLU A 417 -9.63 -11.69 -14.67
N TYR A 418 -10.71 -11.16 -14.13
CA TYR A 418 -11.93 -11.93 -13.96
C TYR A 418 -12.71 -11.97 -15.25
N GLY A 419 -12.73 -10.84 -15.93
CA GLY A 419 -13.42 -10.73 -17.19
C GLY A 419 -12.80 -11.55 -18.30
N HIS A 420 -11.52 -11.33 -18.58
CA HIS A 420 -10.94 -11.82 -19.83
C HIS A 420 -10.92 -13.33 -19.83
N ALA A 421 -11.66 -13.86 -20.79
CA ALA A 421 -11.73 -15.27 -21.11
C ALA A 421 -10.58 -15.51 -22.07
N PRO A 422 -10.19 -16.77 -22.31
CA PRO A 422 -9.02 -16.97 -23.16
C PRO A 422 -9.15 -16.24 -24.48
N ILE A 423 -8.04 -15.69 -24.92
CA ILE A 423 -7.95 -14.99 -26.18
C ILE A 423 -7.87 -16.01 -27.29
N ARG A 424 -8.78 -15.96 -28.26
CA ARG A 424 -8.79 -16.97 -29.33
C ARG A 424 -8.46 -16.40 -30.69
N TYR A 425 -7.31 -16.80 -31.23
CA TYR A 425 -6.91 -16.36 -32.56
C TYR A 425 -7.19 -17.43 -33.61
N ASP A 426 -7.50 -16.99 -34.83
CA ASP A 426 -7.62 -17.90 -35.98
C ASP A 426 -6.45 -17.70 -36.95
N GLU A 427 -5.57 -18.71 -36.99
CA GLU A 427 -4.37 -18.70 -37.81
C GLU A 427 -4.69 -18.57 -39.29
N ASP A 428 -5.97 -18.74 -39.61
CA ASP A 428 -6.43 -18.42 -40.94
C ASP A 428 -6.88 -16.97 -40.79
N GLU A 429 -6.04 -16.11 -41.36
CA GLU A 429 -5.53 -14.93 -40.66
C GLU A 429 -6.52 -13.98 -40.02
N GLN A 430 -6.08 -13.46 -38.87
CA GLN A 430 -6.75 -12.45 -38.06
C GLN A 430 -8.22 -12.69 -37.78
N HIS A 431 -8.49 -13.65 -36.91
CA HIS A 431 -9.78 -13.66 -36.24
C HIS A 431 -9.56 -13.78 -34.76
N PHE A 432 -9.84 -12.71 -34.03
CA PHE A 432 -10.03 -12.82 -32.62
C PHE A 432 -11.52 -12.90 -32.42
N LEU A 433 -11.98 -13.87 -31.64
CA LEU A 433 -13.40 -14.14 -31.57
C LEU A 433 -14.12 -13.38 -30.44
N ASN A 434 -13.35 -12.77 -29.53
CA ASN A 434 -13.94 -12.06 -28.39
C ASN A 434 -14.70 -10.79 -28.81
N LYS B 22 -1.05 31.64 33.73
CA LYS B 22 -2.38 31.15 33.42
C LYS B 22 -2.53 30.82 31.95
N ALA B 23 -2.92 29.58 31.66
CA ALA B 23 -3.13 29.15 30.28
C ALA B 23 -4.56 28.71 29.99
N VAL B 24 -5.07 29.11 28.83
CA VAL B 24 -6.36 28.64 28.33
C VAL B 24 -6.15 27.51 27.34
N GLY B 25 -6.83 26.38 27.57
CA GLY B 25 -6.75 25.25 26.67
C GLY B 25 -7.54 25.44 25.39
N LEU B 26 -6.91 25.23 24.24
CA LEU B 26 -7.58 25.30 22.95
C LEU B 26 -7.60 23.94 22.23
N VAL B 27 -8.80 23.40 22.00
CA VAL B 27 -8.95 22.17 21.23
C VAL B 27 -9.25 22.50 19.78
N VAL B 28 -8.28 22.24 18.90
CA VAL B 28 -8.34 22.75 17.54
C VAL B 28 -7.78 21.79 16.47
N GLU B 29 -8.18 21.99 15.22
CA GLU B 29 -7.44 21.48 14.07
C GLU B 29 -7.44 22.59 13.05
N TYR B 30 -6.29 23.11 12.68
CA TYR B 30 -6.35 24.30 11.87
C TYR B 30 -6.11 23.94 10.41
N ASN B 31 -7.20 23.84 9.65
CA ASN B 31 -7.13 23.20 8.32
C ASN B 31 -7.85 23.97 7.20
N PRO B 32 -7.36 25.16 6.84
CA PRO B 32 -6.25 25.83 7.50
C PRO B 32 -6.75 26.68 8.68
N PHE B 33 -5.84 27.44 9.29
CA PHE B 33 -6.18 28.40 10.33
C PHE B 33 -6.79 29.65 9.68
N HIS B 34 -8.06 29.95 9.95
CA HIS B 34 -8.70 31.08 9.28
C HIS B 34 -9.21 32.16 10.23
N ASN B 35 -9.83 33.19 9.67
CA ASN B 35 -10.25 34.36 10.44
C ASN B 35 -11.13 33.99 11.64
N GLY B 36 -11.79 32.83 11.58
CA GLY B 36 -12.55 32.35 12.71
C GLY B 36 -11.65 31.82 13.83
N HIS B 37 -10.48 31.34 13.45
CA HIS B 37 -9.52 30.86 14.42
C HIS B 37 -8.69 31.99 15.02
N LEU B 38 -8.42 33.03 14.24
CA LEU B 38 -7.60 34.14 14.73
C LEU B 38 -8.33 34.96 15.78
N TYR B 39 -9.62 35.17 15.52
CA TYR B 39 -10.52 35.83 16.45
C TYR B 39 -10.70 34.94 17.67
N HIS B 40 -10.76 33.64 17.45
CA HIS B 40 -10.98 32.67 18.52
C HIS B 40 -9.80 32.61 19.51
N ALA B 41 -8.59 32.91 19.03
CA ALA B 41 -7.40 32.87 19.87
C ALA B 41 -7.20 34.14 20.70
N GLN B 42 -7.60 35.27 20.16
CA GLN B 42 -7.51 36.54 20.87
C GLN B 42 -8.60 36.70 21.92
N THR B 43 -9.80 36.23 21.59
CA THR B 43 -10.89 36.23 22.55
C THR B 43 -10.66 35.15 23.62
N ALA B 44 -9.86 34.15 23.28
CA ALA B 44 -9.49 33.13 24.27
C ALA B 44 -8.73 33.78 25.41
N LYS B 45 -7.77 34.62 25.07
CA LYS B 45 -6.98 35.30 26.08
C LYS B 45 -7.74 36.45 26.72
N LEU B 46 -8.70 37.01 25.97
CA LEU B 46 -9.53 38.06 26.52
C LEU B 46 -10.48 37.45 27.54
N GLN B 47 -11.36 36.57 27.08
CA GLN B 47 -12.48 36.11 27.90
C GLN B 47 -12.07 35.15 29.03
N THR B 48 -10.95 34.45 28.89
CA THR B 48 -10.54 33.52 29.95
C THR B 48 -9.49 34.05 30.92
N GLY B 49 -9.04 35.28 30.69
CA GLY B 49 -8.08 35.93 31.57
C GLY B 49 -6.75 35.22 31.70
N CYS B 50 -6.42 34.40 30.69
CA CYS B 50 -5.18 33.66 30.73
C CYS B 50 -4.18 34.29 29.76
N ASP B 51 -2.94 34.34 30.21
CA ASP B 51 -1.86 35.00 29.49
C ASP B 51 -1.35 34.14 28.35
N THR B 52 -1.63 32.85 28.46
CA THR B 52 -1.07 31.86 27.54
C THR B 52 -2.16 31.07 26.85
N ALA B 53 -1.99 30.83 25.55
CA ALA B 53 -2.89 29.94 24.82
C ALA B 53 -2.21 28.65 24.44
N VAL B 54 -2.73 27.55 24.95
CA VAL B 54 -2.20 26.22 24.71
C VAL B 54 -3.10 25.45 23.76
N ALA B 55 -2.59 25.07 22.59
CA ALA B 55 -3.40 24.34 21.62
C ALA B 55 -3.01 22.87 21.52
N VAL B 56 -4.02 22.01 21.48
CA VAL B 56 -3.82 20.63 21.15
C VAL B 56 -4.52 20.45 19.82
N SER B 58 -4.79 18.20 15.85
CA SER B 58 -4.57 16.97 15.13
C SER B 58 -3.48 17.18 14.12
N GLY B 59 -2.51 16.27 14.07
CA GLY B 59 -1.33 16.52 13.28
C GLY B 59 -1.50 16.47 11.79
N HIS B 60 -1.90 15.30 11.30
CA HIS B 60 -1.81 14.98 9.87
C HIS B 60 -3.16 14.44 9.39
N PHE B 61 -3.70 13.44 10.10
CA PHE B 61 -5.09 13.04 9.90
C PHE B 61 -6.00 13.47 11.07
N LEU B 62 -7.17 14.01 10.71
CA LEU B 62 -8.07 14.76 11.60
C LEU B 62 -9.34 14.01 12.07
N GLN B 63 -10.25 14.68 12.79
CA GLN B 63 -11.47 14.04 13.33
C GLN B 63 -12.49 13.73 12.25
N ARG B 64 -12.67 14.66 11.31
CA ARG B 64 -13.59 14.47 10.20
C ARG B 64 -13.07 13.35 9.32
N GLY B 65 -11.84 12.93 9.58
CA GLY B 65 -11.28 11.72 9.01
C GLY B 65 -10.25 11.95 7.93
N GLU B 66 -10.26 13.16 7.38
CA GLU B 66 -9.47 13.49 6.19
C GLU B 66 -8.04 13.88 6.53
N PRO B 67 -7.14 13.86 5.54
CA PRO B 67 -5.79 14.38 5.75
C PRO B 67 -5.76 15.89 5.97
N ALA B 68 -4.77 16.41 6.68
CA ALA B 68 -4.60 17.85 6.78
C ALA B 68 -4.27 18.41 5.40
N VAL B 69 -4.72 19.63 5.12
CA VAL B 69 -4.35 20.30 3.89
C VAL B 69 -2.83 20.43 3.80
N VAL B 70 -2.21 20.60 4.96
CA VAL B 70 -0.79 20.92 5.04
C VAL B 70 -0.23 20.34 6.34
N SER B 71 1.04 19.96 6.33
CA SER B 71 1.65 19.26 7.46
C SER B 71 1.48 19.95 8.79
N LYS B 72 1.39 19.16 9.85
CA LYS B 72 1.28 19.68 11.20
C LYS B 72 2.36 20.71 11.49
N TRP B 73 3.49 20.62 10.79
CA TRP B 73 4.58 21.56 10.99
C TRP B 73 4.22 22.95 10.52
N ALA B 74 3.58 23.02 9.37
CA ALA B 74 3.29 24.33 8.81
C ALA B 74 2.05 24.94 9.47
N ARG B 75 1.03 24.13 9.75
CA ARG B 75 -0.21 24.63 10.35
C ARG B 75 0.03 25.17 11.74
N THR B 76 1.13 24.75 12.35
CA THR B 76 1.59 25.25 13.63
C THR B 76 1.99 26.71 13.53
N LYS B 77 2.54 27.07 12.38
CA LYS B 77 3.05 28.41 12.17
C LYS B 77 1.95 29.38 11.76
N ALA B 79 -0.75 29.17 13.54
CA ALA B 79 -1.20 29.33 14.93
C ALA B 79 -0.33 30.23 15.79
N LEU B 80 0.98 30.05 15.73
CA LEU B 80 1.90 30.85 16.53
C LEU B 80 1.87 32.30 16.11
N GLN B 81 1.61 32.54 14.83
CA GLN B 81 1.54 33.91 14.33
C GLN B 81 0.15 34.50 14.48
N SER B 82 -0.79 33.64 14.83
CA SER B 82 -2.16 34.03 15.13
C SER B 82 -2.56 34.08 16.61
N GLY B 83 -1.59 33.96 17.51
CA GLY B 83 -1.91 34.16 18.91
C GLY B 83 -1.97 32.93 19.79
N VAL B 84 -1.54 31.80 19.25
CA VAL B 84 -1.41 30.60 20.06
C VAL B 84 0.00 30.50 20.62
N ASP B 85 0.11 30.42 21.94
CA ASP B 85 1.40 30.41 22.59
C ASP B 85 2.05 29.04 22.63
N LEU B 86 1.26 27.99 22.55
CA LEU B 86 1.80 26.63 22.63
C LEU B 86 0.96 25.69 21.79
N VAL B 87 1.62 24.79 21.07
CA VAL B 87 0.92 23.78 20.26
C VAL B 87 1.40 22.36 20.49
N ILE B 88 0.49 21.48 20.90
CA ILE B 88 0.76 20.07 21.15
C ILE B 88 0.01 19.25 20.10
N GLU B 89 0.54 18.10 19.69
CA GLU B 89 -0.23 17.29 18.75
C GLU B 89 -1.27 16.47 19.52
N LEU B 90 -2.46 16.38 18.96
CA LEU B 90 -3.43 15.40 19.40
C LEU B 90 -3.08 14.12 18.69
N PRO B 91 -2.78 13.07 19.46
CA PRO B 91 -2.33 11.89 18.73
C PRO B 91 -3.45 11.35 17.85
N TYR B 92 -3.08 10.65 16.78
CA TYR B 92 -4.00 9.97 15.88
C TYR B 92 -5.03 9.18 16.66
N LEU B 93 -4.56 8.64 17.77
CA LEU B 93 -5.34 7.89 18.74
C LEU B 93 -6.63 8.59 19.11
N TYR B 94 -6.52 9.83 19.57
CA TYR B 94 -7.71 10.62 19.83
C TYR B 94 -8.22 11.36 18.60
N ALA B 95 -7.29 11.83 17.78
CA ALA B 95 -7.63 12.68 16.63
C ALA B 95 -8.61 11.99 15.71
N VAL B 96 -8.31 10.77 15.27
CA VAL B 96 -9.24 10.17 14.33
C VAL B 96 -10.16 9.26 15.09
N GLN B 97 -11.27 9.85 15.53
CA GLN B 97 -12.16 9.19 16.47
C GLN B 97 -13.52 9.83 16.50
N LYS B 98 -14.48 9.07 17.02
CA LYS B 98 -15.80 9.59 17.32
C LYS B 98 -15.65 10.77 18.27
N ALA B 99 -16.55 11.74 18.19
CA ALA B 99 -16.43 12.98 18.95
C ALA B 99 -16.39 12.79 20.46
N ASP B 100 -16.87 11.65 20.95
CA ASP B 100 -16.84 11.36 22.39
C ASP B 100 -15.42 11.03 22.83
N ILE B 101 -14.70 10.30 21.99
CA ILE B 101 -13.33 9.88 22.27
C ILE B 101 -12.33 11.03 21.98
N PHE B 102 -12.60 11.78 20.92
CA PHE B 102 -11.81 12.92 20.50
C PHE B 102 -11.72 14.00 21.60
N ALA B 103 -12.88 14.36 22.14
CA ALA B 103 -12.96 15.39 23.17
C ALA B 103 -12.24 14.97 24.45
N ARG B 104 -12.33 13.68 24.77
CA ARG B 104 -11.82 13.14 26.02
C ARG B 104 -10.33 13.36 26.22
N GLY B 105 -9.54 13.03 25.19
CA GLY B 105 -8.10 13.05 25.30
C GLY B 105 -7.49 14.40 25.02
N SER B 106 -8.19 15.21 24.22
CA SER B 106 -7.82 16.60 24.04
C SER B 106 -7.91 17.31 25.39
N VAL B 107 -9.09 17.23 26.01
CA VAL B 107 -9.30 17.74 27.36
C VAL B 107 -8.32 17.10 28.34
N SER B 108 -8.07 15.82 28.19
CA SER B 108 -7.10 15.10 29.03
C SER B 108 -5.71 15.73 28.99
N ILE B 109 -5.28 16.11 27.79
CA ILE B 109 -3.94 16.65 27.58
C ILE B 109 -3.86 18.08 28.03
N LEU B 110 -4.90 18.85 27.77
CA LEU B 110 -4.95 20.23 28.23
C LEU B 110 -4.99 20.32 29.76
N ASN B 111 -5.56 19.33 30.42
CA ASN B 111 -5.54 19.33 31.87
C ASN B 111 -4.15 18.89 32.34
N GLU B 112 -3.50 18.03 31.56
CA GLU B 112 -2.16 17.58 31.89
C GLU B 112 -1.22 18.78 31.90
N LEU B 113 -1.46 19.70 30.98
CA LEU B 113 -0.69 20.92 30.89
C LEU B 113 -1.21 21.98 31.84
N GLU B 114 -2.21 21.58 32.63
CA GLU B 114 -2.76 22.38 33.72
C GLU B 114 -3.41 23.65 33.23
N CYS B 115 -4.11 23.54 32.11
CA CYS B 115 -4.95 24.63 31.65
C CYS B 115 -6.10 24.81 32.63
N GLU B 116 -6.26 26.04 33.11
CA GLU B 116 -7.33 26.35 34.05
C GLU B 116 -8.60 26.73 33.29
N ALA B 117 -8.46 26.99 32.00
CA ALA B 117 -9.58 27.46 31.22
C ALA B 117 -9.67 26.70 29.91
N LEU B 118 -10.89 26.49 29.44
CA LEU B 118 -11.13 25.89 28.13
C LEU B 118 -12.03 26.81 27.28
N PHE B 119 -11.69 26.98 26.01
CA PHE B 119 -12.42 27.90 25.15
C PHE B 119 -12.76 27.28 23.79
N PHE B 120 -14.06 27.19 23.49
CA PHE B 120 -14.52 26.66 22.21
C PHE B 120 -15.66 27.49 21.63
N GLY B 121 -15.60 27.76 20.33
CA GLY B 121 -16.72 28.40 19.65
C GLY B 121 -17.83 27.39 19.44
N SER B 122 -19.03 27.87 19.13
CA SER B 122 -20.17 26.99 19.05
C SER B 122 -21.41 27.64 18.48
N GLU B 123 -22.35 26.81 18.05
CA GLU B 123 -23.56 27.27 17.40
C GLU B 123 -24.46 27.86 18.46
N ASN B 124 -24.21 27.45 19.68
CA ASN B 124 -24.89 28.02 20.83
C ASN B 124 -23.87 28.78 21.64
N GLY B 125 -23.96 30.10 21.64
CA GLY B 125 -22.98 30.92 22.33
C GLY B 125 -23.09 30.77 23.82
N ASP B 126 -24.05 29.94 24.23
CA ASP B 126 -24.45 29.82 25.62
C ASP B 126 -23.89 28.56 26.27
N ILE B 127 -22.97 28.73 27.22
CA ILE B 127 -22.48 27.60 27.99
C ILE B 127 -23.57 26.97 28.86
N LYS B 128 -24.56 27.78 29.26
CA LYS B 128 -25.53 27.34 30.26
C LYS B 128 -26.36 26.15 29.79
N PRO B 129 -26.88 26.17 28.55
CA PRO B 129 -27.53 24.92 28.12
C PRO B 129 -26.55 23.76 27.98
N PHE B 130 -25.26 24.05 27.84
CA PHE B 130 -24.24 23.01 27.82
C PHE B 130 -24.06 22.42 29.22
N LEU B 131 -23.89 23.29 30.21
CA LEU B 131 -23.79 22.84 31.60
C LEU B 131 -25.11 22.26 32.09
N GLU B 132 -26.23 22.80 31.60
CA GLU B 132 -27.56 22.24 31.86
C GLU B 132 -27.64 20.83 31.35
N THR B 133 -27.57 20.70 30.03
CA THR B 133 -27.75 19.44 29.34
C THR B 133 -26.87 18.36 29.96
N ALA B 134 -25.63 18.73 30.27
CA ALA B 134 -24.72 17.81 30.94
C ALA B 134 -25.24 17.44 32.34
N GLN B 135 -25.47 18.44 33.19
CA GLN B 135 -25.95 18.20 34.54
C GLN B 135 -27.34 17.55 34.51
N LEU B 136 -28.07 17.80 33.43
CA LEU B 136 -29.40 17.24 33.24
C LEU B 136 -29.36 15.73 33.04
N ILE B 137 -28.51 15.30 32.09
CA ILE B 137 -28.54 13.93 31.57
C ILE B 137 -28.09 12.91 32.61
N ASP B 138 -27.11 13.26 33.45
CA ASP B 138 -26.68 12.31 34.48
C ASP B 138 -27.71 12.18 35.60
N GLU B 139 -28.47 13.24 35.86
CA GLU B 139 -29.53 13.20 36.86
C GLU B 139 -30.53 12.10 36.52
N HIS B 140 -30.70 11.87 35.23
CA HIS B 140 -31.61 10.86 34.72
C HIS B 140 -30.99 9.55 34.20
N LYS B 141 -29.66 9.42 34.20
CA LYS B 141 -28.99 8.38 33.40
C LYS B 141 -29.49 6.95 33.66
N HIS B 142 -30.18 6.75 34.77
CA HIS B 142 -30.89 5.49 34.98
C HIS B 142 -32.21 5.46 34.20
N ILE B 143 -32.91 6.59 34.24
CA ILE B 143 -34.18 6.74 33.56
C ILE B 143 -34.02 6.48 32.06
N LEU B 144 -32.84 6.79 31.54
CA LEU B 144 -32.55 6.65 30.11
C LEU B 144 -32.42 5.20 29.71
N ASN B 145 -31.44 4.52 30.30
CA ASN B 145 -31.13 3.13 29.96
C ASN B 145 -32.33 2.21 30.10
N ASP B 146 -33.26 2.60 30.95
CA ASP B 146 -34.53 1.89 31.08
C ASP B 146 -35.42 2.10 29.87
N ARG B 147 -35.64 3.35 29.51
CA ARG B 147 -36.45 3.71 28.35
C ARG B 147 -35.78 3.25 27.05
N ILE B 148 -34.46 3.17 27.09
CA ILE B 148 -33.70 2.60 25.99
C ILE B 148 -34.00 1.09 25.84
N LYS B 149 -33.83 0.33 26.92
CA LYS B 149 -34.03 -1.11 26.85
C LYS B 149 -35.50 -1.42 26.58
N GLU B 150 -36.38 -0.58 27.14
CA GLU B 150 -37.82 -0.74 26.95
C GLU B 150 -38.17 -0.56 25.49
N GLU B 151 -37.40 0.28 24.80
CA GLU B 151 -37.51 0.42 23.36
C GLU B 151 -36.76 -0.71 22.67
N LEU B 152 -35.58 -1.03 23.21
CA LEU B 152 -34.78 -2.11 22.68
C LEU B 152 -35.51 -3.44 22.73
N LYS B 153 -36.06 -3.79 23.88
CA LYS B 153 -36.74 -5.08 23.97
C LYS B 153 -37.97 -5.07 23.07
N LYS B 154 -38.45 -3.88 22.72
CA LYS B 154 -39.61 -3.79 21.85
C LYS B 154 -39.23 -3.83 20.38
N GLY B 155 -37.94 -3.95 20.09
CA GLY B 155 -37.47 -4.14 18.73
C GLY B 155 -36.89 -2.90 18.06
N ALA B 156 -36.75 -1.84 18.83
CA ALA B 156 -36.14 -0.62 18.33
C ALA B 156 -34.65 -0.81 18.11
N SER B 157 -34.05 0.08 17.34
CA SER B 157 -32.63 -0.02 17.04
C SER B 157 -31.86 0.78 18.05
N TYR B 158 -30.55 0.81 17.89
CA TYR B 158 -29.68 1.51 18.82
C TYR B 158 -29.91 3.03 18.83
N PRO B 159 -29.70 3.70 17.68
CA PRO B 159 -29.81 5.17 17.72
C PRO B 159 -31.24 5.63 17.89
N ALA B 160 -32.17 4.78 17.51
CA ALA B 160 -33.57 5.11 17.64
C ALA B 160 -33.97 5.04 19.11
N ALA B 161 -33.60 3.95 19.77
CA ALA B 161 -33.93 3.77 21.18
C ALA B 161 -33.27 4.83 22.02
N ALA B 162 -32.09 5.27 21.60
CA ALA B 162 -31.39 6.33 22.29
C ALA B 162 -32.02 7.67 21.98
N ALA B 163 -32.42 7.87 20.73
CA ALA B 163 -33.02 9.14 20.34
C ALA B 163 -34.38 9.29 20.96
N ILE B 164 -34.99 8.17 21.30
CA ILE B 164 -36.27 8.18 21.98
C ILE B 164 -36.08 8.36 23.47
N ALA B 165 -35.07 7.67 24.00
CA ALA B 165 -34.75 7.77 25.41
C ALA B 165 -34.19 9.13 25.76
N PHE B 166 -33.47 9.74 24.83
CA PHE B 166 -32.95 11.09 25.06
C PHE B 166 -34.01 12.14 24.84
N SER B 167 -34.95 11.89 23.95
CA SER B 167 -36.01 12.87 23.71
C SER B 167 -37.09 12.72 24.77
N SER B 168 -36.87 11.80 25.71
CA SER B 168 -37.72 11.70 26.87
C SER B 168 -37.31 12.76 27.88
N ILE B 169 -36.26 13.51 27.55
CA ILE B 169 -35.86 14.66 28.33
C ILE B 169 -35.22 15.71 27.42
N LEU B 170 -34.83 16.84 28.00
CA LEU B 170 -34.09 17.88 27.28
C LEU B 170 -34.91 18.65 26.25
N HIS B 171 -36.09 18.14 25.91
CA HIS B 171 -36.75 18.52 24.66
C HIS B 171 -37.53 19.82 24.84
N THR B 172 -37.25 20.52 25.92
CA THR B 172 -37.87 21.80 26.13
C THR B 172 -37.42 22.81 25.05
N GLU B 173 -37.89 24.05 25.15
CA GLU B 173 -37.66 25.08 24.12
C GLU B 173 -36.17 25.35 23.93
N SER B 174 -35.37 24.79 24.83
CA SER B 174 -33.93 25.06 24.97
C SER B 174 -33.15 25.01 23.68
N ALA B 175 -33.64 24.23 22.72
CA ALA B 175 -32.86 23.97 21.54
C ALA B 175 -31.52 23.48 22.03
N LEU B 176 -30.46 24.27 21.78
CA LEU B 176 -29.10 23.76 21.86
C LEU B 176 -29.14 22.52 21.05
N ASP B 177 -29.24 22.69 19.73
CA ASP B 177 -29.33 21.52 18.91
C ASP B 177 -27.98 20.84 18.97
N LEU B 178 -28.02 19.59 19.42
CA LEU B 178 -26.86 18.72 19.39
C LEU B 178 -26.89 18.00 18.05
N SER B 179 -27.79 18.45 17.18
CA SER B 179 -27.71 18.13 15.77
C SER B 179 -26.71 19.06 15.08
N LYS B 180 -26.14 19.97 15.85
CA LYS B 180 -25.13 20.91 15.35
C LYS B 180 -23.74 20.51 15.84
N PRO B 181 -22.77 20.47 14.93
CA PRO B 181 -21.45 19.88 15.22
C PRO B 181 -20.77 20.54 16.39
N ASN B 182 -20.85 21.87 16.46
CA ASN B 182 -20.16 22.60 17.51
C ASN B 182 -20.75 22.32 18.87
N ASN B 183 -22.07 22.21 18.90
CA ASN B 183 -22.77 21.85 20.11
C ASN B 183 -22.39 20.42 20.50
N ILE B 184 -22.23 19.57 19.50
CA ILE B 184 -21.83 18.19 19.76
C ILE B 184 -20.47 18.12 20.42
N LEU B 185 -19.45 18.66 19.74
CA LEU B 185 -18.11 18.65 20.28
C LEU B 185 -18.07 19.45 21.57
N GLY B 186 -18.81 20.55 21.60
CA GLY B 186 -18.83 21.43 22.75
C GLY B 186 -19.44 20.76 23.95
N TYR B 187 -20.55 20.07 23.74
CA TYR B 187 -21.12 19.28 24.82
C TYR B 187 -20.10 18.23 25.26
N GLN B 188 -19.27 17.78 24.33
CA GLN B 188 -18.36 16.69 24.61
C GLN B 188 -17.08 17.08 25.36
N TYR B 189 -16.63 18.32 25.20
CA TYR B 189 -15.54 18.85 26.02
C TYR B 189 -16.00 19.04 27.44
N VAL B 190 -17.18 19.64 27.56
CA VAL B 190 -17.83 19.90 28.83
C VAL B 190 -18.15 18.60 29.56
N THR B 191 -18.62 17.60 28.84
CA THR B 191 -18.90 16.30 29.45
C THR B 191 -17.60 15.70 29.98
N SER B 192 -16.53 15.75 29.19
CA SER B 192 -15.25 15.20 29.61
C SER B 192 -14.70 15.96 30.81
N ILE B 193 -14.98 17.26 30.86
CA ILE B 193 -14.55 18.03 32.02
C ILE B 193 -15.34 17.65 33.27
N LEU B 194 -16.68 17.71 33.20
CA LEU B 194 -17.49 17.40 34.38
C LEU B 194 -17.24 15.97 34.81
N THR B 195 -17.48 15.04 33.92
CA THR B 195 -17.23 13.63 34.19
C THR B 195 -15.82 13.40 34.71
N GLY B 196 -14.88 14.21 34.24
CA GLY B 196 -13.51 14.15 34.72
C GLY B 196 -13.28 14.95 36.00
N GLY B 197 -14.19 15.88 36.28
CA GLY B 197 -14.05 16.73 37.45
C GLY B 197 -12.74 17.48 37.41
N TYR B 198 -12.37 17.92 36.21
CA TYR B 198 -11.17 18.71 36.06
C TYR B 198 -11.44 20.09 36.63
N PRO B 199 -10.41 20.68 37.24
CA PRO B 199 -10.39 22.07 37.70
C PRO B 199 -10.07 23.00 36.54
N LYS B 201 -12.10 25.56 33.78
CA LYS B 201 -13.38 26.20 33.45
C LYS B 201 -13.55 26.36 31.95
N PRO B 202 -14.68 25.84 31.41
CA PRO B 202 -15.11 25.89 30.01
C PRO B 202 -15.76 27.22 29.57
N TYR B 203 -15.54 27.63 28.33
CA TYR B 203 -16.12 28.86 27.80
C TYR B 203 -16.53 28.71 26.34
N THR B 204 -17.57 29.42 25.94
CA THR B 204 -18.02 29.37 24.55
C THR B 204 -18.67 30.66 24.07
N THR B 205 -18.59 30.88 22.76
CA THR B 205 -19.34 31.95 22.09
C THR B 205 -19.81 31.50 20.70
N ALA B 206 -20.70 32.28 20.10
CA ALA B 206 -21.35 31.93 18.83
C ALA B 206 -20.41 31.93 17.62
N ARG B 207 -20.88 31.39 16.50
CA ARG B 207 -20.09 31.34 15.28
C ARG B 207 -20.50 32.43 14.30
N ILE B 208 -19.51 33.21 13.85
CA ILE B 208 -19.77 34.30 12.92
C ILE B 208 -18.83 34.22 11.71
N ASN B 222 -10.82 40.56 4.65
CA ASN B 222 -11.03 40.93 6.04
C ASN B 222 -12.11 40.05 6.70
N HIS B 223 -12.84 39.31 5.86
CA HIS B 223 -14.05 38.59 6.29
C HIS B 223 -13.84 37.21 6.98
N ILE B 224 -14.94 36.47 7.15
CA ILE B 224 -14.92 35.14 7.78
C ILE B 224 -15.77 34.11 7.04
N ALA B 225 -15.16 32.99 6.65
CA ALA B 225 -15.91 31.89 6.03
C ALA B 225 -15.65 30.58 6.77
N SER B 226 -16.35 29.52 6.35
CA SER B 226 -16.15 28.21 6.94
C SER B 226 -14.93 27.60 6.30
N ALA B 227 -14.09 26.95 7.11
CA ALA B 227 -12.86 26.34 6.63
C ALA B 227 -13.15 25.44 5.46
N THR B 228 -14.27 24.73 5.55
CA THR B 228 -14.70 23.82 4.49
C THR B 228 -15.04 24.55 3.19
N SER B 229 -15.84 25.62 3.27
CA SER B 229 -16.18 26.40 2.07
C SER B 229 -14.92 27.07 1.52
N ILE B 230 -13.99 27.34 2.42
CA ILE B 230 -12.64 27.74 2.05
C ILE B 230 -11.90 26.60 1.38
N ARG B 231 -11.92 25.43 2.02
CA ARG B 231 -11.19 24.25 1.49
C ARG B 231 -11.64 23.95 0.07
N LYS B 232 -12.94 23.82 -0.11
CA LYS B 232 -13.50 23.50 -1.41
C LYS B 232 -13.27 24.65 -2.38
N ALA B 233 -12.95 25.82 -1.84
CA ALA B 233 -12.57 26.98 -2.65
C ALA B 233 -11.10 26.88 -3.08
N ILE B 235 -9.71 23.92 -3.55
CA ILE B 235 -9.79 22.79 -4.46
C ILE B 235 -10.34 23.29 -5.78
N GLY B 236 -11.12 24.38 -5.68
CA GLY B 236 -11.66 25.08 -6.82
C GLY B 236 -10.66 26.04 -7.44
N GLN B 237 -9.38 25.81 -7.14
CA GLN B 237 -8.24 26.52 -7.72
C GLN B 237 -8.20 28.00 -7.30
N ASN B 238 -8.76 28.28 -6.14
CA ASN B 238 -8.71 29.63 -5.57
C ASN B 238 -7.99 29.70 -4.23
N LEU B 239 -6.96 30.54 -4.15
CA LEU B 239 -6.24 30.77 -2.91
C LEU B 239 -6.48 32.18 -2.37
N GLU B 240 -6.09 33.19 -3.14
CA GLU B 240 -6.26 34.58 -2.73
C GLU B 240 -7.74 34.94 -2.58
N ALA B 241 -8.60 34.12 -3.19
CA ALA B 241 -10.03 34.28 -3.03
C ALA B 241 -10.37 34.21 -1.55
N CYS B 242 -9.65 33.34 -0.86
CA CYS B 242 -9.83 33.15 0.57
C CYS B 242 -9.12 34.22 1.39
N LEU B 243 -8.34 35.09 0.75
CA LEU B 243 -7.55 36.06 1.50
C LEU B 243 -8.42 37.03 2.30
N ARG B 244 -9.66 37.23 1.87
CA ARG B 244 -10.64 37.93 2.69
C ARG B 244 -10.95 37.11 3.93
N PHE B 245 -11.01 35.80 3.75
CA PHE B 245 -11.43 34.87 4.79
C PHE B 245 -10.25 34.21 5.57
N LEU B 246 -9.01 34.58 5.23
CA LEU B 246 -7.82 34.00 5.86
C LEU B 246 -6.76 35.04 6.25
N PRO B 247 -6.12 34.88 7.43
CA PRO B 247 -5.08 35.81 7.90
C PRO B 247 -3.81 35.86 7.05
N ALA B 248 -2.86 36.71 7.43
CA ALA B 248 -1.65 36.93 6.64
C ALA B 248 -0.68 35.76 6.69
N ALA B 249 -0.27 35.39 7.90
CA ALA B 249 0.62 34.26 8.10
C ALA B 249 0.03 33.02 7.48
N SER B 250 -1.20 32.72 7.85
CA SER B 250 -1.90 31.53 7.35
C SER B 250 -1.87 31.46 5.85
N ALA B 251 -2.08 32.58 5.17
CA ALA B 251 -2.01 32.59 3.71
C ALA B 251 -0.57 32.55 3.20
N ARG B 252 0.35 33.09 3.99
CA ARG B 252 1.78 33.08 3.66
C ARG B 252 2.33 31.68 3.75
N GLU B 253 1.74 30.92 4.66
CA GLU B 253 2.21 29.59 5.03
C GLU B 253 1.73 28.52 4.08
N LEU B 254 0.54 28.72 3.53
CA LEU B 254 -0.06 27.76 2.63
C LEU B 254 0.68 27.74 1.29
N ALA B 255 0.98 28.92 0.76
CA ALA B 255 1.65 29.00 -0.54
C ALA B 255 3.02 28.31 -0.52
N ALA B 256 3.81 28.56 0.53
CA ALA B 256 5.17 28.01 0.59
C ALA B 256 5.17 26.48 0.73
N TYR B 257 4.03 25.93 1.15
CA TYR B 257 3.89 24.48 1.24
C TYR B 257 3.75 23.93 -0.17
N ARG B 258 2.65 24.29 -0.84
CA ARG B 258 2.39 23.83 -2.20
C ARG B 258 3.59 24.10 -3.09
N LYS B 259 4.36 25.14 -2.76
CA LYS B 259 5.58 25.44 -3.49
C LYS B 259 6.54 24.28 -3.40
N SER B 260 6.81 23.81 -2.18
CA SER B 260 7.82 22.78 -2.00
C SER B 260 7.37 21.40 -2.47
N PHE B 261 6.21 20.96 -2.00
CA PHE B 261 5.74 19.61 -2.25
C PHE B 261 4.72 19.47 -3.37
N GLY B 262 4.34 20.59 -3.98
CA GLY B 262 3.49 20.57 -5.16
C GLY B 262 2.07 20.06 -4.99
N LEU B 263 1.52 20.17 -3.78
CA LEU B 263 0.16 19.73 -3.56
C LEU B 263 -0.52 20.30 -2.32
N TRP B 264 -1.85 20.26 -2.34
CA TRP B 264 -2.65 20.30 -1.12
C TRP B 264 -3.17 18.87 -0.92
N HIS B 265 -3.03 18.33 0.29
CA HIS B 265 -3.48 16.96 0.55
C HIS B 265 -5.00 16.84 0.69
N THR B 266 -5.60 16.00 -0.15
CA THR B 266 -7.04 15.75 -0.14
C THR B 266 -7.28 14.25 0.03
N PRO B 267 -8.48 13.85 0.46
CA PRO B 267 -8.85 12.42 0.56
C PRO B 267 -8.65 11.60 -0.71
N GLU B 268 -8.92 12.19 -1.87
CA GLU B 268 -8.81 11.46 -3.13
C GLU B 268 -7.36 11.15 -3.43
N SER B 269 -6.48 12.07 -3.04
CA SER B 269 -5.05 11.96 -3.31
C SER B 269 -4.46 10.62 -2.86
N TYR B 270 -5.08 10.06 -1.84
CA TYR B 270 -4.64 8.82 -1.22
C TYR B 270 -5.41 7.63 -1.77
N PHE B 271 -6.25 7.84 -2.78
CA PHE B 271 -7.10 6.75 -3.23
C PHE B 271 -6.30 5.56 -3.77
N SER B 272 -5.24 5.84 -4.51
CA SER B 272 -4.41 4.78 -5.07
C SER B 272 -3.84 3.86 -3.99
N TYR B 273 -3.57 4.44 -2.83
CA TYR B 273 -2.95 3.69 -1.76
C TYR B 273 -4.01 2.90 -0.98
N LEU B 274 -5.27 3.31 -1.12
CA LEU B 274 -6.39 2.58 -0.53
C LEU B 274 -6.71 1.36 -1.40
N LYS B 275 -6.61 1.54 -2.71
CA LYS B 275 -6.79 0.44 -3.62
C LYS B 275 -5.71 -0.58 -3.33
N TYR B 276 -4.47 -0.11 -3.33
CA TYR B 276 -3.33 -0.96 -3.13
C TYR B 276 -3.36 -1.73 -1.82
N SER B 277 -3.77 -1.04 -0.76
CA SER B 277 -3.78 -1.61 0.56
C SER B 277 -4.92 -2.59 0.73
N LEU B 278 -6.01 -2.36 0.00
CA LEU B 278 -7.14 -3.27 0.08
C LEU B 278 -6.92 -4.43 -0.86
N SER B 279 -5.96 -4.26 -1.76
CA SER B 279 -5.57 -5.28 -2.75
C SER B 279 -4.62 -6.35 -2.23
N THR B 280 -3.94 -6.10 -1.11
CA THR B 280 -3.14 -7.13 -0.49
C THR B 280 -3.80 -7.89 0.66
N VAL B 281 -4.92 -7.40 1.14
CA VAL B 281 -5.41 -7.84 2.45
C VAL B 281 -6.52 -8.88 2.28
N THR B 282 -6.54 -9.89 3.15
CA THR B 282 -7.62 -10.88 3.11
C THR B 282 -8.83 -10.37 3.85
N ALA B 283 -9.90 -11.14 3.83
CA ALA B 283 -11.10 -10.75 4.54
C ALA B 283 -10.81 -10.72 6.04
N ARG B 284 -10.24 -11.81 6.52
CA ARG B 284 -9.90 -11.98 7.92
C ARG B 284 -9.04 -10.85 8.50
N GLU B 285 -8.01 -10.44 7.77
CA GLU B 285 -7.11 -9.38 8.24
C GLU B 285 -7.76 -8.00 8.21
N LEU B 286 -8.49 -7.69 7.14
CA LEU B 286 -9.21 -6.43 7.04
C LEU B 286 -10.31 -6.36 8.09
N GLN B 287 -10.78 -7.53 8.47
CA GLN B 287 -11.77 -7.66 9.52
C GLN B 287 -11.19 -7.11 10.82
N GLN B 288 -9.88 -7.26 10.97
CA GLN B 288 -9.18 -6.84 12.18
C GLN B 288 -8.81 -5.36 12.21
N VAL B 289 -9.24 -4.61 11.20
CA VAL B 289 -8.96 -3.18 11.14
C VAL B 289 -9.97 -2.36 11.94
N TYR B 290 -9.46 -1.44 12.74
CA TYR B 290 -10.29 -0.58 13.55
C TYR B 290 -11.39 0.08 12.71
N GLU B 291 -12.60 0.06 13.27
CA GLU B 291 -13.80 0.61 12.64
C GLU B 291 -14.30 -0.12 11.40
N VAL B 292 -13.89 -1.37 11.21
CA VAL B 292 -14.45 -2.21 10.14
C VAL B 292 -15.39 -3.25 10.76
N GLU B 293 -16.69 -3.10 10.54
CA GLU B 293 -17.66 -3.94 11.23
C GLU B 293 -17.69 -5.34 10.62
N GLU B 294 -18.09 -6.31 11.43
CA GLU B 294 -18.07 -7.71 11.01
C GLU B 294 -18.85 -7.93 9.74
N GLY B 295 -18.22 -8.56 8.76
CA GLY B 295 -18.88 -8.87 7.50
C GLY B 295 -18.83 -7.75 6.49
N LEU B 296 -18.38 -6.58 6.94
CA LEU B 296 -18.26 -5.44 6.05
C LEU B 296 -16.98 -5.54 5.23
N GLU B 297 -16.11 -6.48 5.60
CA GLU B 297 -14.88 -6.67 4.84
C GLU B 297 -15.18 -7.06 3.41
N HIS B 298 -16.07 -8.04 3.22
CA HIS B 298 -16.39 -8.53 1.88
C HIS B 298 -16.92 -7.43 1.00
N ARG B 299 -17.77 -6.58 1.56
CA ARG B 299 -18.32 -5.45 0.83
C ARG B 299 -17.21 -4.46 0.44
N ILE B 300 -16.29 -4.20 1.37
CA ILE B 300 -15.17 -3.28 1.14
C ILE B 300 -14.24 -3.77 0.03
N ILE B 301 -13.73 -4.98 0.21
CA ILE B 301 -12.87 -5.65 -0.75
C ILE B 301 -13.50 -5.71 -2.15
N ARG B 302 -14.79 -6.03 -2.17
CA ARG B 302 -15.59 -6.05 -3.39
C ARG B 302 -15.73 -4.64 -3.98
N SER B 303 -16.05 -3.66 -3.13
CA SER B 303 -16.36 -2.31 -3.58
C SER B 303 -15.16 -1.54 -4.12
N ILE B 304 -13.98 -1.77 -3.54
CA ILE B 304 -12.79 -1.04 -3.96
C ILE B 304 -12.39 -1.45 -5.37
N ARG B 305 -12.66 -2.69 -5.74
CA ARG B 305 -12.35 -3.20 -7.07
C ARG B 305 -12.99 -2.36 -8.17
N LYS B 306 -14.30 -2.19 -8.05
CA LYS B 306 -15.11 -1.61 -9.12
C LYS B 306 -15.24 -0.10 -9.02
N SER B 307 -14.57 0.50 -8.05
CA SER B 307 -14.64 1.94 -7.85
C SER B 307 -13.47 2.69 -8.48
N SER B 308 -13.75 3.48 -9.51
CA SER B 308 -12.73 4.29 -10.20
C SER B 308 -12.58 5.64 -9.53
N SER B 309 -13.29 5.82 -8.42
CA SER B 309 -13.20 7.04 -7.62
C SER B 309 -13.48 6.74 -6.15
N TYR B 310 -12.75 7.44 -5.29
CA TYR B 310 -12.94 7.41 -3.85
C TYR B 310 -14.40 7.70 -3.51
N GLN B 311 -15.02 8.62 -4.24
CA GLN B 311 -16.44 8.91 -4.06
C GLN B 311 -17.30 7.69 -4.40
N GLU B 312 -16.97 7.00 -5.48
CA GLU B 312 -17.73 5.80 -5.86
C GLU B 312 -17.57 4.70 -4.83
N PHE B 313 -16.36 4.61 -4.29
CA PHE B 313 -16.02 3.65 -3.26
C PHE B 313 -16.97 3.80 -2.06
N GLU B 315 -20.33 5.29 -1.84
CA GLU B 315 -21.73 5.01 -2.09
C GLU B 315 -22.01 3.51 -2.03
N LEU B 316 -21.05 2.70 -2.45
CA LEU B 316 -21.19 1.26 -2.44
C LEU B 316 -21.16 0.77 -1.01
N LEU B 317 -20.39 1.47 -0.18
CA LEU B 317 -20.12 1.06 1.19
C LEU B 317 -21.21 1.44 2.18
N LYS B 318 -22.08 2.36 1.79
CA LYS B 318 -23.01 2.95 2.73
C LYS B 318 -24.04 1.97 3.26
N THR B 319 -24.01 1.78 4.57
CA THR B 319 -25.01 1.03 5.31
C THR B 319 -25.35 1.88 6.50
N LYS B 320 -26.61 1.82 6.91
CA LYS B 320 -27.16 2.79 7.85
C LYS B 320 -26.37 2.87 9.16
N ARG B 321 -25.61 1.84 9.49
CA ARG B 321 -24.81 1.84 10.71
C ARG B 321 -23.57 2.75 10.60
N TYR B 322 -23.33 3.27 9.39
CA TYR B 322 -22.19 4.15 9.15
C TYR B 322 -22.58 5.54 8.69
N THR B 323 -22.14 6.57 9.40
CA THR B 323 -22.24 7.91 8.86
C THR B 323 -21.17 8.05 7.80
N TRP B 324 -21.09 9.22 7.20
CA TRP B 324 -20.08 9.41 6.18
C TRP B 324 -18.73 9.60 6.82
N THR B 325 -18.74 10.29 7.96
CA THR B 325 -17.50 10.49 8.69
C THR B 325 -16.99 9.17 9.23
N ARG B 326 -17.89 8.32 9.71
CA ARG B 326 -17.47 7.04 10.25
C ARG B 326 -16.87 6.17 9.16
N LEU B 327 -17.33 6.37 7.94
CA LEU B 327 -16.78 5.69 6.79
C LEU B 327 -15.45 6.33 6.34
N GLN B 328 -15.35 7.66 6.42
CA GLN B 328 -14.08 8.36 6.16
C GLN B 328 -13.02 8.05 7.23
N ARG B 329 -13.43 8.07 8.50
CA ARG B 329 -12.54 7.70 9.59
C ARG B 329 -11.98 6.29 9.38
N ASN B 331 -11.64 4.57 6.42
CA ASN B 331 -10.70 4.55 5.30
C ASN B 331 -9.30 4.98 5.72
N THR B 332 -9.21 5.77 6.77
CA THR B 332 -7.94 6.17 7.34
C THR B 332 -7.27 5.01 8.05
N HIS B 333 -8.03 4.32 8.89
CA HIS B 333 -7.50 3.21 9.67
C HIS B 333 -7.14 2.04 8.76
N ILE B 334 -7.78 2.00 7.59
CA ILE B 334 -7.42 1.05 6.55
C ILE B 334 -6.08 1.44 5.93
N LEU B 335 -5.97 2.69 5.49
CA LEU B 335 -4.72 3.22 4.93
C LEU B 335 -3.53 2.98 5.86
N THR B 336 -3.65 3.43 7.10
CA THR B 336 -2.58 3.35 8.09
C THR B 336 -2.41 1.95 8.71
N ARG B 337 -3.36 1.08 8.43
CA ARG B 337 -3.41 -0.28 8.96
C ARG B 337 -3.39 -0.27 10.49
N THR B 338 -4.33 0.47 11.06
CA THR B 338 -4.52 0.53 12.48
C THR B 338 -5.55 -0.48 12.92
N LYS B 339 -5.14 -1.40 13.77
CA LYS B 339 -5.91 -2.58 14.11
C LYS B 339 -6.71 -2.43 15.38
N LYS B 340 -7.88 -3.07 15.43
CA LYS B 340 -8.74 -3.03 16.61
C LYS B 340 -7.98 -3.26 17.90
N GLN B 341 -7.13 -4.29 17.92
CA GLN B 341 -6.42 -4.62 19.14
C GLN B 341 -5.42 -3.54 19.48
N ASP B 342 -4.81 -2.93 18.46
CA ASP B 342 -3.94 -1.76 18.65
C ASP B 342 -4.73 -0.68 19.35
N GLN B 344 -8.00 -0.49 20.70
CA GLN B 344 -8.67 -0.69 21.98
C GLN B 344 -7.67 -0.79 23.14
N LYS B 345 -6.60 -1.52 22.92
CA LYS B 345 -5.50 -1.58 23.87
C LYS B 345 -5.00 -0.18 24.28
N LEU B 346 -4.87 0.71 23.31
CA LEU B 346 -4.43 2.09 23.59
C LEU B 346 -5.55 3.02 24.10
N LEU B 347 -6.76 2.84 23.57
CA LEU B 347 -7.89 3.66 24.01
C LEU B 347 -8.20 3.43 25.48
N ASP B 348 -7.81 2.27 25.99
CA ASP B 348 -8.27 1.83 27.31
C ASP B 348 -7.81 2.73 28.45
N ASN B 349 -6.57 3.19 28.38
CA ASN B 349 -6.00 4.03 29.43
C ASN B 349 -6.83 5.28 29.69
N ASP B 350 -6.85 5.78 30.93
CA ASP B 350 -7.61 6.97 31.27
C ASP B 350 -6.77 8.25 31.30
N LYS B 351 -5.47 8.12 31.05
CA LYS B 351 -4.57 9.26 30.96
C LYS B 351 -4.02 9.40 29.52
N ALA B 352 -3.26 10.46 29.25
CA ALA B 352 -2.60 10.64 27.96
C ALA B 352 -1.17 10.06 28.01
N PRO B 353 -0.72 9.39 26.95
CA PRO B 353 0.55 8.65 26.98
C PRO B 353 1.82 9.52 26.97
N TYR B 354 1.73 10.71 26.41
CA TYR B 354 2.85 11.65 26.34
C TYR B 354 2.33 13.04 25.97
N ILE B 355 3.23 14.03 26.00
CA ILE B 355 2.91 15.33 25.43
C ILE B 355 3.86 15.59 24.27
N ARG B 356 3.37 15.54 23.02
CA ARG B 356 4.20 15.89 21.87
C ARG B 356 4.15 17.40 21.62
N LEU B 357 5.32 18.03 21.69
CA LEU B 357 5.43 19.46 21.49
C LEU B 357 5.78 19.80 20.05
N LEU B 358 4.84 20.41 19.33
CA LEU B 358 5.07 20.85 17.96
C LEU B 358 5.72 22.24 17.86
N GLY B 359 5.28 23.20 18.65
CA GLY B 359 5.81 24.54 18.52
C GLY B 359 5.34 25.49 19.59
N THR B 361 5.69 29.91 21.37
CA THR B 361 6.01 31.32 21.38
C THR B 361 6.94 31.62 22.53
N LYS B 362 7.18 32.90 22.76
CA LYS B 362 7.91 33.34 23.92
C LYS B 362 7.14 32.98 25.17
N LYS B 363 5.85 33.32 25.15
CA LYS B 363 4.92 33.00 26.21
C LYS B 363 4.87 31.47 26.43
N GLY B 364 4.60 30.74 25.37
CA GLY B 364 4.50 29.29 25.44
C GLY B 364 5.68 28.61 26.11
N GLN B 365 6.88 29.12 25.87
CA GLN B 365 8.09 28.47 26.39
C GLN B 365 8.15 28.56 27.90
N ALA B 366 7.94 29.76 28.41
CA ALA B 366 8.02 29.97 29.83
C ALA B 366 6.95 29.13 30.52
N TYR B 367 5.82 28.93 29.85
CA TYR B 367 4.73 28.17 30.46
C TYR B 367 5.12 26.71 30.53
N LEU B 368 5.71 26.22 29.45
CA LEU B 368 6.21 24.87 29.46
C LEU B 368 7.31 24.75 30.49
N SER B 369 8.05 25.82 30.73
CA SER B 369 9.17 25.76 31.69
C SER B 369 8.67 25.82 33.11
N GLU B 370 7.58 26.53 33.32
CA GLU B 370 6.96 26.59 34.64
C GLU B 370 6.29 25.26 34.98
N LYS B 371 5.60 24.66 34.02
CA LYS B 371 4.83 23.44 34.29
C LYS B 371 5.54 22.14 33.91
N LYS B 372 6.77 22.25 33.41
CA LYS B 372 7.54 21.09 32.92
C LYS B 372 7.66 19.96 33.93
N LYS B 373 8.12 20.27 35.13
CA LYS B 373 8.39 19.25 36.13
C LYS B 373 7.10 18.58 36.60
N ALA B 374 5.96 19.20 36.32
CA ALA B 374 4.67 18.72 36.79
C ALA B 374 4.03 17.62 35.91
N LEU B 375 4.44 17.54 34.65
CA LEU B 375 3.84 16.55 33.76
C LEU B 375 4.10 15.12 34.27
N SER B 376 3.03 14.34 34.32
CA SER B 376 3.13 12.94 34.77
C SER B 376 3.45 11.98 33.63
N VAL B 377 3.66 12.53 32.44
CA VAL B 377 3.96 11.75 31.24
C VAL B 377 5.09 12.40 30.46
N PRO B 378 5.77 11.62 29.61
CA PRO B 378 6.90 12.12 28.82
C PRO B 378 6.61 13.35 27.98
N LEU B 379 7.46 14.35 28.09
CA LEU B 379 7.40 15.50 27.21
C LEU B 379 8.35 15.20 26.07
N VAL B 380 7.76 14.95 24.91
CA VAL B 380 8.52 14.43 23.78
C VAL B 380 8.82 15.56 22.83
N SER B 381 10.08 15.97 22.79
CA SER B 381 10.51 17.09 21.97
C SER B 381 11.21 16.56 20.74
N LYS B 382 12.31 15.86 20.97
CA LYS B 382 12.90 15.02 19.94
C LYS B 382 12.23 13.66 20.02
N LEU B 383 11.85 13.10 18.87
CA LEU B 383 11.19 11.81 18.87
C LEU B 383 12.11 10.72 19.41
N SER B 384 13.41 10.95 19.26
CA SER B 384 14.43 10.03 19.72
C SER B 384 14.29 9.63 21.19
N SER B 385 13.93 10.61 22.02
CA SER B 385 13.92 10.44 23.47
C SER B 385 13.02 9.31 23.94
N PHE B 386 11.87 9.16 23.29
CA PHE B 386 10.79 8.31 23.80
C PHE B 386 10.18 7.48 22.65
N SER B 387 9.86 6.22 22.94
CA SER B 387 9.11 5.39 22.01
C SER B 387 7.90 4.85 22.74
N HIS B 388 6.75 4.91 22.09
CA HIS B 388 5.52 4.42 22.68
C HIS B 388 4.68 3.94 21.52
N PRO B 389 3.88 2.89 21.73
CA PRO B 389 2.99 2.40 20.68
C PRO B 389 2.05 3.47 20.14
N ALA B 390 1.56 4.37 20.99
CA ALA B 390 0.74 5.48 20.51
C ALA B 390 1.60 6.45 19.70
N LEU B 391 2.89 6.46 19.99
CA LEU B 391 3.83 7.32 19.31
C LEU B 391 4.16 6.67 17.97
N ASP B 392 4.23 5.35 17.98
CA ASP B 392 4.47 4.58 16.78
C ASP B 392 3.38 4.84 15.77
N LEU B 393 2.20 5.08 16.29
CA LEU B 393 1.03 5.32 15.44
C LEU B 393 1.12 6.67 14.74
N ASP B 394 1.46 7.73 15.48
CA ASP B 394 1.56 9.06 14.90
C ASP B 394 2.61 9.16 13.80
N VAL B 395 3.71 8.44 13.96
CA VAL B 395 4.78 8.49 12.97
C VAL B 395 4.40 7.70 11.74
N LYS B 396 3.78 6.54 11.95
CA LYS B 396 3.25 5.77 10.85
C LYS B 396 2.29 6.62 10.02
N ALA B 397 1.46 7.44 10.67
CA ALA B 397 0.58 8.37 9.95
C ALA B 397 1.32 9.52 9.27
N SER B 398 2.49 9.88 9.81
CA SER B 398 3.33 10.91 9.21
C SER B 398 4.10 10.39 7.99
N ARG B 399 4.28 9.08 7.92
CA ARG B 399 4.85 8.44 6.74
C ARG B 399 3.81 8.25 5.63
N ILE B 400 2.57 7.98 6.02
CA ILE B 400 1.48 7.79 5.08
C ILE B 400 1.06 9.15 4.50
N TYR B 401 1.31 10.21 5.26
CA TYR B 401 0.93 11.54 4.83
C TYR B 401 1.73 12.06 3.64
N SER B 402 3.00 11.68 3.55
CA SER B 402 3.86 12.19 2.48
C SER B 402 3.67 11.48 1.15
N LEU B 403 2.92 10.39 1.16
CA LEU B 403 2.88 9.49 0.01
C LEU B 403 2.43 10.12 -1.33
N PRO B 404 1.44 11.01 -1.32
CA PRO B 404 1.11 11.67 -2.59
C PRO B 404 2.16 12.68 -3.07
N ILE B 405 3.06 13.10 -2.19
CA ILE B 405 4.12 14.02 -2.59
C ILE B 405 5.08 13.31 -3.53
N GLU B 406 5.48 13.98 -4.61
CA GLU B 406 6.49 13.44 -5.50
C GLU B 406 7.83 13.43 -4.81
N GLU B 407 8.63 12.44 -5.12
CA GLU B 407 10.02 12.46 -4.70
C GLU B 407 10.73 13.44 -5.61
N PRO B 408 11.93 13.90 -5.22
CA PRO B 408 12.75 13.70 -4.01
C PRO B 408 12.16 14.38 -2.78
N LEU B 409 11.18 15.25 -2.99
CA LEU B 409 10.52 16.03 -1.94
C LEU B 409 9.99 15.18 -0.77
N ARG B 410 9.30 14.09 -1.11
CA ARG B 410 8.70 13.17 -0.15
C ARG B 410 9.70 12.56 0.82
N THR B 411 10.86 12.22 0.30
CA THR B 411 11.92 11.60 1.09
C THR B 411 12.42 12.59 2.13
N GLU B 412 12.41 13.85 1.72
CA GLU B 412 12.80 14.95 2.57
C GLU B 412 11.68 15.35 3.51
N PHE B 413 10.43 15.26 3.03
CA PHE B 413 9.28 15.49 3.90
C PHE B 413 9.31 14.54 5.08
N ASP B 414 9.81 13.34 4.86
CA ASP B 414 9.82 12.33 5.92
C ASP B 414 10.93 12.59 6.94
N LEU B 415 11.75 13.60 6.67
CA LEU B 415 12.80 13.99 7.60
C LEU B 415 12.22 14.77 8.75
N GLN B 416 11.09 15.40 8.48
CA GLN B 416 10.51 16.36 9.40
C GLN B 416 10.08 15.75 10.73
N GLU B 417 9.58 14.52 10.72
CA GLU B 417 9.07 13.95 11.96
C GLU B 417 10.19 13.71 12.99
N TYR B 418 11.46 13.81 12.57
CA TYR B 418 12.59 13.50 13.43
C TYR B 418 13.53 14.66 13.74
N GLY B 419 14.28 15.05 12.71
CA GLY B 419 15.37 16.00 12.82
C GLY B 419 14.87 17.42 12.78
N HIS B 420 13.57 17.59 13.06
CA HIS B 420 12.95 18.91 13.20
C HIS B 420 13.00 19.33 14.67
N ALA B 421 13.78 20.37 14.96
CA ALA B 421 13.71 21.00 16.26
C ALA B 421 12.30 21.50 16.41
N PRO B 422 11.65 21.20 17.54
CA PRO B 422 10.31 21.76 17.78
C PRO B 422 10.35 23.26 17.51
N ILE B 423 9.39 23.73 16.71
CA ILE B 423 9.40 25.11 16.26
C ILE B 423 9.34 26.06 17.43
N ARG B 424 9.95 27.22 17.28
CA ARG B 424 9.83 28.29 18.27
C ARG B 424 9.78 29.64 17.57
N TYR B 425 8.98 30.54 18.10
CA TYR B 425 8.65 31.77 17.41
C TYR B 425 8.59 32.94 18.38
N ASP B 426 9.17 34.07 17.97
CA ASP B 426 9.27 35.23 18.84
C ASP B 426 8.03 36.09 18.66
N GLU B 427 7.20 36.14 19.70
CA GLU B 427 5.91 36.82 19.62
C GLU B 427 6.09 38.26 19.18
N ASP B 428 7.02 38.95 19.83
CA ASP B 428 7.07 40.39 19.70
C ASP B 428 8.01 40.76 18.57
N GLU B 429 7.40 41.27 17.51
CA GLU B 429 8.03 41.46 16.21
C GLU B 429 8.60 40.15 15.65
N GLN B 430 7.74 39.17 15.39
CA GLN B 430 7.94 38.21 14.29
C GLN B 430 9.37 37.64 14.05
N HIS B 431 9.83 36.71 14.87
CA HIS B 431 11.02 35.93 14.48
C HIS B 431 10.87 34.44 14.83
N PHE B 432 11.11 33.56 13.88
CA PHE B 432 11.29 32.14 14.17
C PHE B 432 12.75 31.95 14.54
N LEU B 433 13.03 31.26 15.65
CA LEU B 433 14.42 31.12 16.08
C LEU B 433 15.16 29.93 15.44
N ASN B 434 14.44 29.06 14.72
CA ASN B 434 15.08 27.90 14.11
C ASN B 434 15.62 28.17 12.70
#